data_1T11
#
_entry.id   1T11
#
_cell.length_a   189.860
_cell.length_b   189.860
_cell.length_c   62.060
_cell.angle_alpha   90.00
_cell.angle_beta   90.00
_cell.angle_gamma   90.00
#
_symmetry.space_group_name_H-M   'I 41'
#
loop_
_entity.id
_entity.type
_entity.pdbx_description
1 polymer 'Trigger factor'
2 water water
#
_entity_poly.entity_id   1
_entity_poly.type   'polypeptide(L)'
_entity_poly.pdbx_seq_one_letter_code
;GSHMQVTVETLEGLQRRLNITVPAANIEDAVAAELRNIAKNRRFDGFRKGKVPMKMVAKMYGKAVRQDVLGEVMQRHFIE
AIVKEKINPAGAPTFAPVEIGEGKDLVFTATFEVYPEVELKGLENIAVEKPAAEVTDADVAEMLETLRKQQATWKEVDEA
AENGKRVSIDFVGSIDGVEFEGGKAENFPLEMGAGRMIPGFEDGIVGKTKGMEFVIDVTFPEDYHAENLKGKAAKFAIKV
NKVEARELPELNDEFVARFGVAEGGVDALKAEVRKNMERELKQAIKARIKEQAIEGLVKENEIQVPSALIDQEINVLRQQ
AAQRFGGNVEAAAQLPRELFEEQAKRRVVVGLLLGEVIRTHELKADEEKVKALITEMATAYEDPSEVVSYYE
;
_entity_poly.pdbx_strand_id   A,B
#
# COMPACT_ATOMS: atom_id res chain seq x y z
N HIS A 3 19.77 25.47 1.63
CA HIS A 3 20.24 25.82 0.25
C HIS A 3 20.59 24.57 -0.57
N MET A 4 19.63 23.67 -0.64
CA MET A 4 19.74 22.42 -1.37
C MET A 4 19.38 22.69 -2.84
N GLN A 5 19.99 21.97 -3.77
CA GLN A 5 19.68 22.20 -5.17
C GLN A 5 19.22 20.97 -5.91
N VAL A 6 18.10 21.09 -6.60
CA VAL A 6 17.55 19.98 -7.35
C VAL A 6 17.17 20.38 -8.78
N THR A 7 17.81 19.78 -9.77
CA THR A 7 17.49 20.07 -11.17
C THR A 7 17.10 18.81 -11.93
N VAL A 8 16.23 18.96 -12.91
CA VAL A 8 15.78 17.82 -13.71
C VAL A 8 16.34 17.99 -15.10
N GLU A 9 16.75 16.89 -15.69
CA GLU A 9 17.32 16.94 -17.02
C GLU A 9 16.70 15.87 -17.86
N THR A 10 16.09 16.29 -18.97
CA THR A 10 15.46 15.35 -19.88
C THR A 10 16.55 14.75 -20.76
N LEU A 11 16.63 13.42 -20.79
CA LEU A 11 17.62 12.74 -21.61
C LEU A 11 16.94 12.20 -22.87
N GLU A 12 17.45 11.09 -23.40
CA GLU A 12 16.89 10.48 -24.60
C GLU A 12 15.59 9.74 -24.29
N GLY A 13 14.56 9.97 -25.12
CA GLY A 13 13.30 9.31 -24.92
C GLY A 13 12.64 9.54 -23.58
N LEU A 14 12.32 8.45 -22.89
CA LEU A 14 11.66 8.50 -21.58
C LEU A 14 12.64 8.47 -20.40
N GLN A 15 13.91 8.78 -20.67
CA GLN A 15 14.94 8.81 -19.64
C GLN A 15 15.00 10.18 -19.02
N ARG A 16 15.12 10.23 -17.71
CA ARG A 16 15.20 11.48 -16.98
C ARG A 16 16.30 11.35 -15.94
N ARG A 17 16.87 12.48 -15.55
CA ARG A 17 17.91 12.45 -14.55
C ARG A 17 17.83 13.58 -13.54
N LEU A 18 17.79 13.20 -12.27
CA LEU A 18 17.74 14.17 -11.21
C LEU A 18 19.17 14.36 -10.69
N ASN A 19 19.59 15.62 -10.52
CA ASN A 19 20.91 15.89 -9.97
C ASN A 19 20.54 16.55 -8.66
N ILE A 20 20.94 15.94 -7.55
CA ILE A 20 20.61 16.48 -6.24
C ILE A 20 21.82 16.79 -5.36
N THR A 21 21.80 17.98 -4.78
CA THR A 21 22.88 18.43 -3.90
C THR A 21 22.33 18.65 -2.49
N VAL A 22 22.97 18.03 -1.51
CA VAL A 22 22.51 18.17 -0.14
C VAL A 22 23.57 18.83 0.71
N PRO A 23 23.26 20.00 1.26
CA PRO A 23 24.18 20.76 2.11
C PRO A 23 24.82 19.89 3.18
N ALA A 24 26.15 19.83 3.13
CA ALA A 24 26.96 19.04 4.06
C ALA A 24 26.40 18.96 5.47
N ALA A 25 25.94 20.08 6.00
CA ALA A 25 25.40 20.14 7.35
C ALA A 25 24.18 19.25 7.53
N ASN A 26 23.39 19.07 6.49
CA ASN A 26 22.22 18.20 6.58
C ASN A 26 22.71 16.80 6.92
N ILE A 27 23.75 16.35 6.21
CA ILE A 27 24.34 15.03 6.41
C ILE A 27 25.11 14.87 7.72
N GLU A 28 26.08 15.75 7.94
CA GLU A 28 26.89 15.68 9.16
C GLU A 28 26.02 15.63 10.41
N ASP A 29 24.94 16.41 10.43
CA ASP A 29 24.05 16.42 11.58
C ASP A 29 23.40 15.07 11.77
N ALA A 30 22.80 14.56 10.69
CA ALA A 30 22.12 13.26 10.72
C ALA A 30 23.10 12.20 11.20
N VAL A 31 24.34 12.26 10.74
CA VAL A 31 25.34 11.30 11.16
C VAL A 31 25.53 11.47 12.67
N ALA A 32 25.54 12.71 13.13
CA ALA A 32 25.71 13.01 14.54
C ALA A 32 24.57 12.47 15.38
N ALA A 33 23.34 12.83 15.03
CA ALA A 33 22.17 12.37 15.78
C ALA A 33 22.18 10.86 15.97
N GLU A 34 22.43 10.13 14.90
CA GLU A 34 22.46 8.68 14.99
C GLU A 34 23.58 8.24 15.90
N LEU A 35 24.76 8.86 15.74
CA LEU A 35 25.88 8.51 16.59
C LEU A 35 25.54 8.80 18.03
N ARG A 36 25.03 9.99 18.32
CA ARG A 36 24.65 10.33 19.68
C ARG A 36 23.65 9.29 20.18
N ASN A 37 22.68 8.97 19.34
CA ASN A 37 21.63 8.02 19.68
C ASN A 37 22.12 6.58 19.86
N ILE A 38 23.39 6.32 19.57
CA ILE A 38 23.95 4.98 19.72
C ILE A 38 24.65 4.85 21.07
N ALA A 39 25.49 5.84 21.39
CA ALA A 39 26.22 5.84 22.65
C ALA A 39 25.27 6.09 23.83
N LYS A 40 24.01 6.34 23.52
CA LYS A 40 23.00 6.61 24.54
C LYS A 40 21.85 5.61 24.40
N ASN A 41 22.18 4.37 24.08
CA ASN A 41 21.18 3.32 23.91
C ASN A 41 21.81 1.94 24.11
N ARG A 42 23.09 1.82 23.76
CA ARG A 42 23.80 0.55 23.92
C ARG A 42 25.21 0.78 24.45
N ARG A 43 25.74 -0.22 25.16
CA ARG A 43 27.08 -0.13 25.73
C ARG A 43 27.94 -1.23 25.14
N PHE A 44 29.25 -0.99 25.09
CA PHE A 44 30.17 -2.00 24.56
C PHE A 44 31.13 -2.42 25.67
N ASP A 45 31.81 -3.55 25.47
CA ASP A 45 32.77 -4.06 26.45
C ASP A 45 33.97 -3.12 26.57
N GLY A 46 33.90 -2.20 27.54
CA GLY A 46 34.98 -1.24 27.74
C GLY A 46 34.58 -0.08 28.63
N PHE A 47 33.38 0.44 28.44
CA PHE A 47 32.91 1.56 29.25
C PHE A 47 31.56 1.32 29.90
N ARG A 48 31.24 2.11 30.92
CA ARG A 48 29.99 2.00 31.65
C ARG A 48 28.80 1.97 30.71
N LYS A 49 27.68 1.45 31.20
CA LYS A 49 26.45 1.38 30.40
C LYS A 49 26.00 2.79 30.02
N GLY A 50 26.86 3.77 30.25
CA GLY A 50 26.55 5.15 29.94
C GLY A 50 27.41 5.75 28.84
N LYS A 51 27.64 7.06 28.92
CA LYS A 51 28.43 7.77 27.93
C LYS A 51 29.80 7.15 27.65
N VAL A 52 30.25 7.29 26.41
CA VAL A 52 31.53 6.75 25.96
C VAL A 52 32.31 7.80 25.18
N PRO A 53 33.57 7.51 24.80
CA PRO A 53 34.40 8.47 24.04
C PRO A 53 33.76 8.94 22.75
N MET A 54 33.94 10.23 22.45
CA MET A 54 33.39 10.82 21.24
C MET A 54 33.87 10.00 20.05
N LYS A 55 35.19 9.79 19.99
CA LYS A 55 35.82 9.05 18.91
C LYS A 55 35.58 7.55 18.93
N MET A 56 35.21 6.99 20.08
CA MET A 56 34.95 5.55 20.17
C MET A 56 33.77 5.16 19.28
N VAL A 57 32.57 5.59 19.70
CA VAL A 57 31.35 5.31 18.95
C VAL A 57 31.52 5.74 17.51
N ALA A 58 32.21 6.86 17.31
CA ALA A 58 32.46 7.40 15.98
C ALA A 58 33.44 6.54 15.18
N LYS A 59 34.50 6.07 15.80
CA LYS A 59 35.46 5.24 15.09
C LYS A 59 34.85 3.88 14.83
N MET A 60 33.91 3.50 15.67
CA MET A 60 33.24 2.21 15.54
C MET A 60 32.06 2.24 14.58
N TYR A 61 31.30 3.33 14.58
CA TYR A 61 30.13 3.41 13.70
C TYR A 61 30.15 4.56 12.67
N GLY A 62 31.29 5.23 12.56
CA GLY A 62 31.42 6.35 11.64
C GLY A 62 31.07 6.09 10.19
N LYS A 63 31.95 5.43 9.46
CA LYS A 63 31.70 5.15 8.05
C LYS A 63 30.38 4.44 7.81
N ALA A 64 29.98 3.55 8.75
CA ALA A 64 28.74 2.79 8.61
C ALA A 64 27.49 3.64 8.74
N VAL A 65 27.30 4.28 9.88
CA VAL A 65 26.12 5.11 10.08
C VAL A 65 25.96 6.09 8.92
N ARG A 66 27.08 6.62 8.47
CA ARG A 66 27.12 7.59 7.37
C ARG A 66 26.61 7.02 6.05
N GLN A 67 27.08 5.84 5.67
CA GLN A 67 26.65 5.20 4.43
C GLN A 67 25.17 4.89 4.56
N ASP A 68 24.74 4.67 5.79
CA ASP A 68 23.35 4.38 6.04
C ASP A 68 22.52 5.64 5.76
N VAL A 69 22.94 6.76 6.35
CA VAL A 69 22.26 8.02 6.20
C VAL A 69 22.24 8.46 4.74
N LEU A 70 23.34 8.26 4.03
CA LEU A 70 23.42 8.63 2.63
C LEU A 70 22.39 7.85 1.84
N GLY A 71 22.32 6.54 2.08
CA GLY A 71 21.36 5.70 1.39
C GLY A 71 19.95 6.15 1.66
N GLU A 72 19.65 6.44 2.91
CA GLU A 72 18.33 6.89 3.32
C GLU A 72 17.97 8.24 2.69
N VAL A 73 18.94 9.14 2.66
CA VAL A 73 18.78 10.47 2.10
C VAL A 73 18.52 10.52 0.59
N MET A 74 19.19 9.68 -0.19
CA MET A 74 18.99 9.70 -1.63
C MET A 74 17.59 9.27 -1.97
N GLN A 75 17.08 8.27 -1.27
CA GLN A 75 15.76 7.76 -1.49
C GLN A 75 14.74 8.84 -1.18
N ARG A 76 14.91 9.48 -0.02
CA ARG A 76 13.96 10.52 0.35
C ARG A 76 13.96 11.71 -0.58
N HIS A 77 15.13 12.18 -1.02
CA HIS A 77 15.15 13.34 -1.91
C HIS A 77 14.65 12.99 -3.29
N PHE A 78 14.90 11.75 -3.71
CA PHE A 78 14.41 11.34 -5.00
C PHE A 78 12.87 11.46 -4.97
N ILE A 79 12.24 10.99 -3.90
CA ILE A 79 10.79 11.08 -3.83
C ILE A 79 10.30 12.51 -3.75
N GLU A 80 10.95 13.33 -2.93
CA GLU A 80 10.55 14.72 -2.81
C GLU A 80 10.72 15.43 -4.14
N ALA A 81 11.82 15.11 -4.84
CA ALA A 81 12.12 15.73 -6.12
C ALA A 81 11.08 15.39 -7.15
N ILE A 82 10.58 14.17 -7.06
CA ILE A 82 9.56 13.66 -7.97
C ILE A 82 8.20 14.29 -7.71
N VAL A 83 7.85 14.44 -6.44
CA VAL A 83 6.59 15.05 -6.09
C VAL A 83 6.62 16.53 -6.51
N LYS A 84 7.73 17.19 -6.27
CA LYS A 84 7.86 18.60 -6.63
C LYS A 84 7.68 18.78 -8.14
N GLU A 85 8.44 18.01 -8.91
CA GLU A 85 8.41 18.07 -10.36
C GLU A 85 7.22 17.43 -11.01
N LYS A 86 6.30 16.87 -10.23
CA LYS A 86 5.12 16.23 -10.81
C LYS A 86 5.50 15.12 -11.80
N ILE A 87 6.53 14.36 -11.45
CA ILE A 87 7.02 13.26 -12.28
C ILE A 87 6.49 11.93 -11.77
N ASN A 88 6.18 11.02 -12.69
CA ASN A 88 5.71 9.71 -12.30
C ASN A 88 6.64 8.65 -12.85
N PRO A 89 7.65 8.26 -12.09
CA PRO A 89 8.61 7.25 -12.55
C PRO A 89 7.99 5.93 -12.99
N ALA A 90 8.56 5.33 -14.03
CA ALA A 90 8.09 4.04 -14.55
C ALA A 90 8.90 2.88 -13.97
N GLY A 91 9.92 3.19 -13.17
CA GLY A 91 10.72 2.14 -12.58
C GLY A 91 11.54 2.71 -11.43
N ALA A 92 12.15 1.83 -10.64
CA ALA A 92 12.95 2.30 -9.52
C ALA A 92 14.09 3.14 -10.08
N PRO A 93 14.53 4.17 -9.35
CA PRO A 93 15.63 4.95 -9.92
C PRO A 93 16.96 4.26 -9.71
N THR A 94 17.98 4.72 -10.43
CA THR A 94 19.33 4.21 -10.30
C THR A 94 20.19 5.36 -9.82
N PHE A 95 20.62 5.31 -8.57
CA PHE A 95 21.42 6.40 -8.01
C PHE A 95 22.91 6.22 -8.28
N ALA A 96 23.58 7.34 -8.47
CA ALA A 96 25.01 7.31 -8.70
C ALA A 96 25.58 8.42 -7.84
N PRO A 97 26.53 8.09 -6.96
CA PRO A 97 27.10 9.14 -6.11
C PRO A 97 28.02 10.00 -6.97
N VAL A 98 27.99 11.30 -6.74
CA VAL A 98 28.86 12.18 -7.49
C VAL A 98 29.93 12.73 -6.54
N GLU A 99 29.51 13.18 -5.36
CA GLU A 99 30.42 13.70 -4.36
C GLU A 99 29.88 13.28 -3.00
N ILE A 100 30.63 12.42 -2.33
CA ILE A 100 30.23 11.90 -1.04
C ILE A 100 31.27 12.15 0.04
N GLY A 101 32.32 12.89 -0.30
CA GLY A 101 33.37 13.18 0.66
C GLY A 101 32.88 13.76 1.97
N GLU A 102 33.51 13.39 3.07
CA GLU A 102 33.09 13.89 4.36
C GLU A 102 33.19 15.41 4.39
N GLY A 103 32.30 16.03 5.17
CA GLY A 103 32.30 17.47 5.31
C GLY A 103 31.94 18.26 4.05
N LYS A 104 31.84 17.57 2.92
CA LYS A 104 31.49 18.24 1.67
C LYS A 104 30.01 18.06 1.37
N ASP A 105 29.50 18.78 0.38
CA ASP A 105 28.09 18.67 0.01
C ASP A 105 27.82 17.33 -0.70
N LEU A 106 26.70 16.71 -0.34
CA LEU A 106 26.32 15.45 -0.98
C LEU A 106 25.73 15.75 -2.35
N VAL A 107 26.29 15.12 -3.38
CA VAL A 107 25.81 15.33 -4.74
C VAL A 107 25.61 13.96 -5.34
N PHE A 108 24.44 13.73 -5.92
CA PHE A 108 24.18 12.44 -6.53
C PHE A 108 23.13 12.55 -7.60
N THR A 109 23.13 11.59 -8.51
CA THR A 109 22.16 11.61 -9.56
C THR A 109 21.23 10.43 -9.40
N ALA A 110 20.04 10.56 -9.96
CA ALA A 110 19.02 9.53 -9.91
C ALA A 110 18.50 9.44 -11.33
N THR A 111 18.85 8.36 -12.04
CA THR A 111 18.39 8.21 -13.41
C THR A 111 17.26 7.19 -13.43
N PHE A 112 16.28 7.41 -14.30
CA PHE A 112 15.14 6.52 -14.38
C PHE A 112 14.29 6.91 -15.60
N GLU A 113 13.20 6.20 -15.81
CA GLU A 113 12.32 6.50 -16.94
C GLU A 113 10.94 6.94 -16.50
N VAL A 114 10.24 7.62 -17.38
CA VAL A 114 8.90 8.08 -17.08
C VAL A 114 7.94 7.53 -18.11
N TYR A 115 6.70 7.37 -17.72
CA TYR A 115 5.68 6.84 -18.62
C TYR A 115 5.52 7.64 -19.89
N PRO A 116 5.35 6.95 -21.03
CA PRO A 116 5.18 7.63 -22.31
C PRO A 116 3.79 8.25 -22.23
N GLU A 117 3.55 9.34 -22.94
CA GLU A 117 2.24 9.97 -22.88
C GLU A 117 1.24 9.31 -23.82
N VAL A 118 0.54 8.30 -23.28
CA VAL A 118 -0.44 7.51 -24.02
C VAL A 118 -1.68 8.30 -24.44
N GLU A 119 -2.03 8.19 -25.72
CA GLU A 119 -3.20 8.88 -26.25
C GLU A 119 -4.14 7.88 -26.89
N LEU A 120 -5.12 7.41 -26.12
CA LEU A 120 -6.08 6.42 -26.62
C LEU A 120 -6.84 6.95 -27.84
N LYS A 121 -6.67 6.25 -28.97
CA LYS A 121 -7.31 6.67 -30.20
C LYS A 121 -8.81 6.69 -30.11
N GLY A 122 -9.40 7.82 -30.48
CA GLY A 122 -10.83 7.96 -30.45
C GLY A 122 -11.41 8.13 -29.07
N LEU A 123 -10.55 8.21 -28.05
CA LEU A 123 -11.04 8.35 -26.69
C LEU A 123 -10.41 9.55 -25.99
N GLU A 124 -9.77 10.41 -26.77
CA GLU A 124 -9.10 11.59 -26.23
C GLU A 124 -10.04 12.54 -25.52
N ASN A 125 -9.87 12.63 -24.21
CA ASN A 125 -10.70 13.48 -23.35
C ASN A 125 -12.16 13.10 -23.38
N ILE A 126 -12.43 11.81 -23.48
CA ILE A 126 -13.81 11.36 -23.54
C ILE A 126 -14.40 11.24 -22.14
N ALA A 127 -13.55 11.08 -21.13
CA ALA A 127 -14.00 10.97 -19.76
C ALA A 127 -13.60 12.19 -18.96
N VAL A 128 -14.56 12.85 -18.35
CA VAL A 128 -14.26 14.02 -17.54
C VAL A 128 -14.69 13.78 -16.11
N GLU A 129 -13.93 14.32 -15.19
CA GLU A 129 -14.24 14.18 -13.78
C GLU A 129 -14.94 15.47 -13.38
N LYS A 130 -16.14 15.35 -12.80
CA LYS A 130 -16.89 16.53 -12.38
C LYS A 130 -16.00 17.65 -11.82
N PRO A 131 -15.83 18.74 -12.60
CA PRO A 131 -15.02 19.94 -12.29
C PRO A 131 -14.34 20.03 -10.92
N ALA A 132 -13.08 19.60 -10.91
CA ALA A 132 -12.26 19.58 -9.69
C ALA A 132 -11.08 20.57 -9.78
N ALA A 133 -9.96 20.20 -9.17
CA ALA A 133 -8.75 21.05 -9.14
C ALA A 133 -9.08 22.49 -8.75
N ASP A 137 -19.34 15.44 -3.30
CA ASP A 137 -18.67 14.73 -2.21
C ASP A 137 -19.31 13.37 -1.92
N ALA A 138 -19.37 12.86 -0.80
CA ALA A 138 -19.47 11.47 -0.34
C ALA A 138 -19.81 10.52 -1.48
N ASP A 139 -19.00 9.41 -1.53
CA ASP A 139 -19.14 8.39 -2.56
C ASP A 139 -20.56 7.96 -2.97
N VAL A 140 -21.44 7.70 -1.99
CA VAL A 140 -22.82 7.27 -2.29
C VAL A 140 -23.68 8.44 -2.75
N ALA A 141 -23.58 9.55 -2.01
CA ALA A 141 -24.32 10.77 -2.33
C ALA A 141 -24.01 11.21 -3.76
N GLU A 142 -22.73 11.21 -4.10
CA GLU A 142 -22.28 11.60 -5.44
C GLU A 142 -22.77 10.66 -6.54
N MET A 143 -22.48 9.38 -6.42
CA MET A 143 -22.90 8.41 -7.42
C MET A 143 -24.43 8.24 -7.53
N LEU A 144 -25.18 8.85 -6.61
CA LEU A 144 -26.63 8.79 -6.68
C LEU A 144 -27.09 9.93 -7.60
N GLU A 145 -26.40 11.06 -7.50
CA GLU A 145 -26.71 12.20 -8.35
C GLU A 145 -26.40 11.75 -9.78
N THR A 146 -25.35 10.93 -9.90
CA THR A 146 -24.90 10.39 -11.19
C THR A 146 -25.88 9.36 -11.77
N LEU A 147 -26.34 8.44 -10.93
CA LEU A 147 -27.27 7.40 -11.36
C LEU A 147 -28.54 8.05 -11.84
N ARG A 148 -28.91 9.13 -11.15
CA ARG A 148 -30.11 9.90 -11.46
C ARG A 148 -30.02 10.42 -12.90
N LYS A 149 -29.02 11.26 -13.18
CA LYS A 149 -28.82 11.79 -14.53
C LYS A 149 -28.74 10.69 -15.60
N GLN A 150 -28.19 9.53 -15.26
CA GLN A 150 -28.07 8.46 -16.23
C GLN A 150 -29.43 7.90 -16.57
N GLN A 151 -30.37 8.00 -15.63
CA GLN A 151 -31.70 7.48 -15.84
C GLN A 151 -32.61 8.51 -16.49
N ALA A 152 -32.21 9.78 -16.42
CA ALA A 152 -32.99 10.82 -17.03
C ALA A 152 -33.29 10.46 -18.47
N THR A 153 -34.40 10.97 -18.99
CA THR A 153 -34.81 10.72 -20.37
C THR A 153 -35.35 12.03 -20.93
N TRP A 154 -35.21 12.21 -22.24
CA TRP A 154 -35.71 13.42 -22.89
C TRP A 154 -36.93 13.09 -23.73
N LYS A 155 -37.93 13.97 -23.71
CA LYS A 155 -39.12 13.76 -24.52
C LYS A 155 -39.56 15.10 -25.09
N GLU A 156 -39.96 15.09 -26.36
CA GLU A 156 -40.40 16.28 -27.07
C GLU A 156 -41.43 17.10 -26.30
N VAL A 157 -41.31 18.43 -26.36
CA VAL A 157 -42.23 19.33 -25.67
C VAL A 157 -42.50 20.59 -26.49
N ASP A 158 -43.67 21.18 -26.28
CA ASP A 158 -44.06 22.42 -26.97
C ASP A 158 -43.39 23.56 -26.22
N GLU A 159 -42.07 23.66 -26.36
CA GLU A 159 -41.30 24.70 -25.68
C GLU A 159 -40.26 25.32 -26.62
N ALA A 160 -39.80 26.52 -26.27
CA ALA A 160 -38.80 27.22 -27.07
C ALA A 160 -37.42 26.85 -26.58
N ALA A 161 -36.44 26.89 -27.48
CA ALA A 161 -35.05 26.56 -27.14
C ALA A 161 -34.54 27.42 -26.00
N GLU A 162 -34.21 26.77 -24.89
CA GLU A 162 -33.72 27.46 -23.71
C GLU A 162 -32.62 26.66 -23.03
N ASN A 163 -31.83 27.34 -22.21
CA ASN A 163 -30.76 26.70 -21.47
C ASN A 163 -31.35 25.44 -20.81
N GLY A 164 -30.74 24.28 -21.07
CA GLY A 164 -31.22 23.05 -20.48
C GLY A 164 -31.97 22.14 -21.45
N LYS A 165 -32.56 22.74 -22.48
CA LYS A 165 -33.32 22.01 -23.48
C LYS A 165 -32.41 21.41 -24.55
N ARG A 166 -32.77 20.20 -25.00
CA ARG A 166 -31.99 19.50 -26.02
C ARG A 166 -32.71 19.72 -27.35
N VAL A 167 -32.21 20.67 -28.12
CA VAL A 167 -32.82 21.00 -29.41
C VAL A 167 -32.19 20.33 -30.62
N SER A 168 -32.88 19.33 -31.16
CA SER A 168 -32.40 18.64 -32.35
C SER A 168 -32.49 19.63 -33.50
N ILE A 169 -31.46 19.70 -34.34
CA ILE A 169 -31.48 20.65 -35.44
C ILE A 169 -30.68 20.19 -36.65
N ASP A 170 -30.92 20.87 -37.78
CA ASP A 170 -30.20 20.62 -39.02
C ASP A 170 -29.60 21.95 -39.43
N PHE A 171 -28.30 21.99 -39.61
CA PHE A 171 -27.66 23.24 -40.01
C PHE A 171 -26.63 23.02 -41.10
N VAL A 172 -26.43 24.05 -41.91
CA VAL A 172 -25.46 24.02 -42.99
C VAL A 172 -24.85 25.42 -43.06
N GLY A 173 -23.61 25.54 -42.59
CA GLY A 173 -22.93 26.81 -42.59
C GLY A 173 -22.22 27.11 -43.90
N SER A 174 -22.18 28.40 -44.26
CA SER A 174 -21.53 28.87 -45.47
C SER A 174 -20.96 30.26 -45.21
N ILE A 175 -19.80 30.56 -45.79
CA ILE A 175 -19.18 31.88 -45.60
C ILE A 175 -19.81 32.92 -46.53
N ASP A 176 -19.66 32.72 -47.83
CA ASP A 176 -20.23 33.63 -48.80
C ASP A 176 -20.89 32.83 -49.90
N GLY A 177 -22.17 32.51 -49.70
CA GLY A 177 -22.90 31.73 -50.68
C GLY A 177 -22.25 30.37 -50.87
N VAL A 178 -21.03 30.26 -50.39
CA VAL A 178 -20.26 29.04 -50.48
C VAL A 178 -20.40 28.24 -49.20
N GLU A 179 -21.16 27.15 -49.27
CA GLU A 179 -21.34 26.29 -48.11
C GLU A 179 -19.98 25.66 -47.84
N PHE A 180 -19.23 26.17 -46.87
CA PHE A 180 -17.90 25.62 -46.57
C PHE A 180 -17.93 24.18 -46.10
N GLU A 181 -16.90 23.44 -46.49
CA GLU A 181 -16.74 22.02 -46.14
C GLU A 181 -16.77 21.76 -44.64
N GLY A 182 -17.53 20.74 -44.24
CA GLY A 182 -17.63 20.38 -42.84
C GLY A 182 -18.66 21.17 -42.06
N GLY A 183 -19.28 22.16 -42.71
CA GLY A 183 -20.27 22.97 -42.04
C GLY A 183 -21.68 22.44 -42.23
N LYS A 184 -21.76 21.18 -42.63
CA LYS A 184 -23.05 20.53 -42.88
C LYS A 184 -23.36 19.45 -41.85
N ALA A 185 -24.48 19.59 -41.15
CA ALA A 185 -24.90 18.63 -40.13
C ALA A 185 -26.40 18.40 -40.12
N GLU A 186 -26.80 17.20 -39.71
CA GLU A 186 -28.21 16.84 -39.66
C GLU A 186 -28.55 16.20 -38.32
N ASN A 187 -29.66 16.62 -37.73
CA ASN A 187 -30.08 16.06 -36.46
C ASN A 187 -28.95 16.14 -35.43
N PHE A 188 -28.48 17.36 -35.20
CA PHE A 188 -27.39 17.61 -34.25
C PHE A 188 -28.02 17.97 -32.91
N PRO A 189 -27.87 17.11 -31.91
CA PRO A 189 -28.44 17.38 -30.59
C PRO A 189 -27.72 18.53 -29.89
N LEU A 190 -28.30 19.71 -29.98
CA LEU A 190 -27.70 20.89 -29.37
C LEU A 190 -28.25 21.09 -27.97
N GLU A 191 -27.45 20.76 -26.97
CA GLU A 191 -27.87 20.92 -25.58
C GLU A 191 -27.57 22.34 -25.13
N MET A 192 -28.57 23.22 -25.23
CA MET A 192 -28.42 24.61 -24.82
C MET A 192 -27.65 24.71 -23.51
N GLY A 193 -26.69 25.62 -23.43
CA GLY A 193 -25.93 25.80 -22.21
C GLY A 193 -24.68 24.93 -22.06
N ALA A 194 -24.58 23.86 -22.85
CA ALA A 194 -23.42 22.97 -22.77
C ALA A 194 -22.19 23.63 -23.38
N GLY A 195 -22.42 24.75 -24.08
CA GLY A 195 -21.34 25.47 -24.73
C GLY A 195 -20.49 24.56 -25.59
N ARG A 196 -21.14 23.71 -26.36
CA ARG A 196 -20.40 22.77 -27.21
C ARG A 196 -19.96 23.39 -28.53
N MET A 197 -20.68 24.40 -28.98
CA MET A 197 -20.37 25.08 -30.22
C MET A 197 -19.50 26.30 -29.93
N ILE A 198 -19.10 26.98 -30.98
CA ILE A 198 -18.30 28.20 -30.87
C ILE A 198 -19.20 29.31 -30.34
N PRO A 199 -18.66 30.21 -29.50
CA PRO A 199 -19.42 31.33 -28.92
C PRO A 199 -20.33 32.06 -29.90
N GLY A 200 -21.61 32.17 -29.56
CA GLY A 200 -22.55 32.84 -30.43
C GLY A 200 -23.49 31.95 -31.21
N PHE A 201 -23.13 30.68 -31.36
CA PHE A 201 -23.98 29.77 -32.12
C PHE A 201 -25.34 29.57 -31.46
N GLU A 202 -25.32 29.22 -30.18
CA GLU A 202 -26.55 28.99 -29.44
C GLU A 202 -27.31 30.29 -29.23
N ASP A 203 -26.57 31.30 -28.82
CA ASP A 203 -27.08 32.63 -28.52
C ASP A 203 -28.02 33.20 -29.58
N GLY A 204 -28.11 32.55 -30.73
CA GLY A 204 -28.97 33.04 -31.79
C GLY A 204 -30.12 32.12 -32.12
N ILE A 205 -30.03 30.87 -31.66
CA ILE A 205 -31.09 29.89 -31.90
C ILE A 205 -32.06 29.89 -30.72
N VAL A 206 -31.54 30.25 -29.55
CA VAL A 206 -32.36 30.29 -28.35
C VAL A 206 -33.65 31.05 -28.60
N GLY A 207 -34.76 30.48 -28.16
CA GLY A 207 -36.03 31.15 -28.36
C GLY A 207 -36.91 30.51 -29.43
N LYS A 208 -36.29 30.00 -30.49
CA LYS A 208 -37.09 29.39 -31.56
C LYS A 208 -37.72 28.07 -31.14
N THR A 209 -38.56 27.52 -32.02
CA THR A 209 -39.24 26.27 -31.74
C THR A 209 -39.28 25.36 -32.95
N LYS A 210 -39.85 24.18 -32.76
CA LYS A 210 -39.97 23.19 -33.82
C LYS A 210 -40.46 23.83 -35.12
N GLY A 211 -40.18 23.19 -36.24
CA GLY A 211 -40.60 23.72 -37.52
C GLY A 211 -39.72 24.85 -38.01
N MET A 212 -39.78 25.98 -37.32
CA MET A 212 -39.00 27.16 -37.69
C MET A 212 -37.68 26.92 -38.43
N GLU A 213 -37.59 27.48 -39.64
CA GLU A 213 -36.40 27.39 -40.48
C GLU A 213 -35.92 28.82 -40.77
N PHE A 214 -34.70 29.13 -40.36
CA PHE A 214 -34.16 30.47 -40.57
C PHE A 214 -32.64 30.43 -40.70
N VAL A 215 -32.00 31.59 -40.50
CA VAL A 215 -30.55 31.68 -40.59
C VAL A 215 -30.03 32.63 -39.50
N ILE A 216 -28.76 32.46 -39.12
CA ILE A 216 -28.15 33.30 -38.10
C ILE A 216 -26.68 33.51 -38.38
N ASP A 217 -26.11 34.57 -37.82
CA ASP A 217 -24.70 34.87 -38.05
C ASP A 217 -23.83 34.33 -36.93
N VAL A 218 -22.52 34.52 -37.07
CA VAL A 218 -21.54 34.07 -36.09
C VAL A 218 -20.14 34.29 -36.63
N THR A 219 -19.16 34.37 -35.74
CA THR A 219 -17.78 34.60 -36.16
C THR A 219 -16.80 33.67 -35.44
N PHE A 220 -16.09 32.86 -36.23
CA PHE A 220 -15.13 31.91 -35.68
C PHE A 220 -14.04 32.58 -34.86
N PRO A 221 -13.48 31.85 -33.87
CA PRO A 221 -12.41 32.30 -32.97
C PRO A 221 -11.06 32.37 -33.67
N GLU A 222 -10.33 33.45 -33.42
CA GLU A 222 -9.00 33.64 -34.01
C GLU A 222 -8.12 32.39 -33.84
N ASP A 223 -8.50 31.51 -32.92
CA ASP A 223 -7.71 30.31 -32.66
C ASP A 223 -8.44 28.99 -32.96
N TYR A 224 -9.29 28.99 -34.00
CA TYR A 224 -10.02 27.78 -34.39
C TYR A 224 -9.09 26.94 -35.25
N HIS A 225 -9.13 25.63 -35.07
CA HIS A 225 -8.27 24.70 -35.81
C HIS A 225 -8.42 24.69 -37.33
N ALA A 226 -9.51 25.26 -37.84
CA ALA A 226 -9.75 25.31 -39.28
C ALA A 226 -9.03 26.49 -39.91
N GLU A 227 -7.89 26.22 -40.53
CA GLU A 227 -7.06 27.23 -41.19
C GLU A 227 -7.80 28.09 -42.20
N ASN A 228 -9.04 27.71 -42.52
CA ASN A 228 -9.84 28.47 -43.49
C ASN A 228 -11.01 29.19 -42.85
N LEU A 229 -11.17 29.06 -41.55
CA LEU A 229 -12.29 29.68 -40.84
C LEU A 229 -11.85 30.52 -39.64
N LYS A 230 -10.55 30.48 -39.33
CA LYS A 230 -9.95 31.21 -38.22
C LYS A 230 -10.66 32.42 -37.65
N GLY A 231 -11.39 33.17 -38.48
CA GLY A 231 -12.07 34.34 -37.95
C GLY A 231 -13.26 34.71 -38.79
N LYS A 232 -13.17 34.39 -40.07
CA LYS A 232 -14.23 34.69 -41.02
C LYS A 232 -15.63 34.50 -40.43
N ALA A 233 -16.49 35.47 -40.65
CA ALA A 233 -17.87 35.39 -40.15
C ALA A 233 -18.63 34.49 -41.11
N ALA A 234 -19.70 33.88 -40.64
CA ALA A 234 -20.48 32.98 -41.49
C ALA A 234 -21.97 33.00 -41.17
N LYS A 235 -22.69 32.05 -41.75
CA LYS A 235 -24.11 31.92 -41.55
C LYS A 235 -24.56 30.48 -41.64
N PHE A 236 -25.32 30.03 -40.65
CA PHE A 236 -25.82 28.67 -40.63
C PHE A 236 -27.31 28.68 -40.84
N ALA A 237 -27.77 27.84 -41.76
CA ALA A 237 -29.19 27.73 -42.04
C ALA A 237 -29.77 26.67 -41.10
N ILE A 238 -30.06 27.10 -39.87
CA ILE A 238 -30.61 26.20 -38.86
C ILE A 238 -31.98 25.64 -39.26
N LYS A 239 -32.57 24.85 -38.37
CA LYS A 239 -33.88 24.24 -38.59
C LYS A 239 -34.20 23.39 -37.36
N VAL A 240 -34.88 23.99 -36.40
CA VAL A 240 -35.26 23.31 -35.16
C VAL A 240 -36.14 22.07 -35.35
N ASN A 241 -35.50 20.92 -35.63
CA ASN A 241 -36.21 19.66 -35.84
C ASN A 241 -37.21 19.25 -34.77
N LYS A 242 -36.79 19.27 -33.51
CA LYS A 242 -37.65 18.92 -32.37
C LYS A 242 -37.00 19.30 -31.05
N VAL A 243 -37.77 19.95 -30.18
CA VAL A 243 -37.26 20.35 -28.87
C VAL A 243 -37.61 19.29 -27.82
N GLU A 244 -36.61 18.88 -27.04
CA GLU A 244 -36.78 17.87 -26.00
C GLU A 244 -36.49 18.46 -24.63
N ALA A 245 -37.10 17.88 -23.60
CA ALA A 245 -36.91 18.34 -22.22
C ALA A 245 -36.35 17.20 -21.40
N ARG A 246 -35.70 17.54 -20.28
CA ARG A 246 -35.08 16.54 -19.40
C ARG A 246 -35.90 16.22 -18.15
N GLU A 247 -36.11 14.93 -17.92
CA GLU A 247 -36.86 14.49 -16.75
C GLU A 247 -36.07 13.53 -15.88
N LEU A 248 -35.52 14.03 -14.77
CA LEU A 248 -34.73 13.21 -13.85
C LEU A 248 -35.61 12.54 -12.81
N PRO A 249 -35.32 11.28 -12.45
CA PRO A 249 -36.13 10.59 -11.43
C PRO A 249 -36.06 11.28 -10.08
N GLU A 250 -36.99 10.93 -9.20
CA GLU A 250 -37.05 11.51 -7.85
C GLU A 250 -35.92 10.99 -6.99
N LEU A 251 -35.31 11.88 -6.23
CA LEU A 251 -34.22 11.53 -5.34
C LEU A 251 -34.74 11.45 -3.91
N ASN A 252 -35.16 10.26 -3.52
CA ASN A 252 -35.73 10.05 -2.20
C ASN A 252 -35.29 8.73 -1.57
N ASP A 253 -35.94 8.37 -0.47
CA ASP A 253 -35.64 7.15 0.27
C ASP A 253 -35.69 5.90 -0.60
N GLU A 254 -36.69 5.81 -1.46
CA GLU A 254 -36.86 4.62 -2.31
C GLU A 254 -35.90 4.49 -3.48
N PHE A 255 -35.51 5.61 -4.06
CA PHE A 255 -34.60 5.61 -5.19
C PHE A 255 -33.24 5.01 -4.81
N VAL A 256 -32.96 4.93 -3.52
CA VAL A 256 -31.67 4.42 -3.06
C VAL A 256 -31.69 3.17 -2.18
N ALA A 257 -32.87 2.61 -1.92
CA ALA A 257 -32.98 1.43 -1.07
C ALA A 257 -32.10 0.26 -1.55
N ARG A 258 -32.24 -0.10 -2.81
CA ARG A 258 -31.46 -1.20 -3.40
C ARG A 258 -29.95 -1.01 -3.23
N PHE A 259 -29.54 0.08 -2.60
CA PHE A 259 -28.12 0.35 -2.41
C PHE A 259 -27.74 0.45 -0.95
N GLY A 260 -28.73 0.21 -0.08
CA GLY A 260 -28.51 0.27 1.35
C GLY A 260 -27.41 -0.65 1.84
N VAL A 261 -26.78 -0.27 2.96
CA VAL A 261 -25.70 -1.06 3.56
C VAL A 261 -26.11 -2.53 3.65
N ALA A 262 -27.41 -2.74 3.81
CA ALA A 262 -27.99 -4.09 3.90
C ALA A 262 -28.77 -4.39 2.61
N GLU A 263 -28.21 -3.98 1.47
CA GLU A 263 -28.85 -4.19 0.16
C GLU A 263 -27.82 -3.88 -0.93
N GLY A 264 -27.07 -4.88 -1.38
CA GLY A 264 -26.09 -4.61 -2.41
C GLY A 264 -24.98 -3.67 -1.96
N GLY A 265 -25.35 -2.60 -1.26
CA GLY A 265 -24.36 -1.66 -0.78
C GLY A 265 -23.72 -0.83 -1.88
N VAL A 266 -22.62 -0.16 -1.55
CA VAL A 266 -21.92 0.67 -2.51
C VAL A 266 -21.50 -0.13 -3.75
N ASP A 267 -21.12 -1.40 -3.56
CA ASP A 267 -20.69 -2.23 -4.67
C ASP A 267 -21.82 -2.39 -5.68
N ALA A 268 -23.02 -2.55 -5.18
CA ALA A 268 -24.17 -2.71 -6.05
C ALA A 268 -24.39 -1.41 -6.83
N LEU A 269 -24.23 -0.29 -6.14
CA LEU A 269 -24.41 1.02 -6.73
C LEU A 269 -23.33 1.29 -7.75
N LYS A 270 -22.09 1.04 -7.37
CA LYS A 270 -20.97 1.24 -8.28
C LYS A 270 -21.18 0.38 -9.52
N ALA A 271 -21.65 -0.84 -9.32
CA ALA A 271 -21.89 -1.73 -10.42
C ALA A 271 -22.92 -1.12 -11.34
N GLU A 272 -23.96 -0.54 -10.76
CA GLU A 272 -25.03 0.08 -11.53
C GLU A 272 -24.50 1.26 -12.34
N VAL A 273 -23.65 2.08 -11.72
CA VAL A 273 -23.12 3.22 -12.43
C VAL A 273 -22.22 2.80 -13.59
N ARG A 274 -21.39 1.78 -13.38
CA ARG A 274 -20.51 1.31 -14.44
C ARG A 274 -21.39 0.79 -15.57
N LYS A 275 -22.35 -0.06 -15.20
CA LYS A 275 -23.28 -0.65 -16.15
C LYS A 275 -23.87 0.41 -17.07
N ASN A 276 -24.19 1.57 -16.51
CA ASN A 276 -24.76 2.65 -17.29
C ASN A 276 -23.71 3.34 -18.10
N MET A 277 -22.57 3.63 -17.47
CA MET A 277 -21.49 4.31 -18.14
C MET A 277 -20.98 3.57 -19.36
N GLU A 278 -21.01 2.24 -19.33
CA GLU A 278 -20.55 1.44 -20.47
C GLU A 278 -21.38 1.84 -21.68
N ARG A 279 -22.69 1.92 -21.48
CA ARG A 279 -23.60 2.29 -22.54
C ARG A 279 -23.27 3.70 -23.00
N GLU A 280 -23.25 4.65 -22.07
CA GLU A 280 -22.95 6.03 -22.43
C GLU A 280 -21.65 6.13 -23.24
N LEU A 281 -20.62 5.45 -22.76
CA LEU A 281 -19.34 5.48 -23.45
C LEU A 281 -19.51 4.98 -24.88
N LYS A 282 -20.18 3.85 -25.05
CA LYS A 282 -20.37 3.31 -26.40
C LYS A 282 -21.07 4.36 -27.26
N GLN A 283 -22.07 5.02 -26.69
CA GLN A 283 -22.79 6.06 -27.41
C GLN A 283 -21.87 7.23 -27.69
N ALA A 284 -21.12 7.65 -26.67
CA ALA A 284 -20.20 8.77 -26.84
C ALA A 284 -19.17 8.48 -27.94
N ILE A 285 -18.68 7.25 -28.01
CA ILE A 285 -17.71 6.92 -29.05
C ILE A 285 -18.37 6.94 -30.42
N LYS A 286 -19.61 6.46 -30.51
CA LYS A 286 -20.33 6.43 -31.78
C LYS A 286 -20.67 7.86 -32.18
N ALA A 287 -20.95 8.69 -31.19
CA ALA A 287 -21.27 10.08 -31.46
C ALA A 287 -19.99 10.84 -31.79
N ARG A 288 -18.86 10.38 -31.28
CA ARG A 288 -17.57 11.03 -31.57
C ARG A 288 -17.35 11.11 -33.07
N ILE A 289 -17.45 9.94 -33.71
CA ILE A 289 -17.26 9.80 -35.14
C ILE A 289 -18.15 10.73 -35.95
N LYS A 290 -19.47 10.57 -35.84
CA LYS A 290 -20.40 11.39 -36.60
C LYS A 290 -20.07 12.87 -36.56
N GLU A 291 -19.59 13.36 -35.42
CA GLU A 291 -19.28 14.77 -35.27
C GLU A 291 -17.91 15.16 -35.78
N GLN A 292 -17.11 14.19 -36.21
CA GLN A 292 -15.79 14.51 -36.71
C GLN A 292 -15.96 15.42 -37.93
N ALA A 293 -15.06 16.38 -38.09
CA ALA A 293 -15.12 17.27 -39.23
C ALA A 293 -16.51 17.89 -39.42
N ILE A 294 -17.04 18.46 -38.34
CA ILE A 294 -18.31 19.17 -38.38
C ILE A 294 -17.96 20.54 -37.79
N GLU A 295 -17.32 21.38 -38.59
CA GLU A 295 -16.93 22.71 -38.13
C GLU A 295 -18.09 23.41 -37.42
N GLY A 296 -17.76 24.18 -36.39
CA GLY A 296 -18.79 24.85 -35.63
C GLY A 296 -18.81 24.28 -34.23
N LEU A 297 -18.52 22.99 -34.14
CA LEU A 297 -18.46 22.30 -32.86
C LEU A 297 -17.07 22.62 -32.31
N VAL A 298 -17.02 23.21 -31.12
CA VAL A 298 -15.74 23.57 -30.54
C VAL A 298 -15.25 22.55 -29.50
N LYS A 299 -16.18 21.87 -28.83
CA LYS A 299 -15.77 20.89 -27.82
C LYS A 299 -16.18 19.48 -28.18
N GLU A 300 -15.24 18.54 -28.03
CA GLU A 300 -15.47 17.13 -28.33
C GLU A 300 -16.39 16.57 -27.26
N ASN A 301 -17.31 15.69 -27.61
CA ASN A 301 -18.24 15.18 -26.61
C ASN A 301 -17.48 14.47 -25.49
N GLU A 302 -18.19 13.87 -24.53
CA GLU A 302 -17.54 13.22 -23.40
C GLU A 302 -18.58 12.68 -22.41
N ILE A 303 -18.15 11.86 -21.46
CA ILE A 303 -19.06 11.34 -20.44
C ILE A 303 -18.52 11.79 -19.09
N GLN A 304 -19.43 11.94 -18.12
CA GLN A 304 -19.02 12.38 -16.77
C GLN A 304 -18.78 11.17 -15.87
N VAL A 305 -17.63 11.15 -15.21
CA VAL A 305 -17.32 10.06 -14.31
C VAL A 305 -17.28 10.54 -12.87
N PRO A 306 -17.89 9.76 -11.96
CA PRO A 306 -17.90 10.16 -10.56
C PRO A 306 -16.49 10.08 -10.00
N SER A 307 -16.06 11.14 -9.32
CA SER A 307 -14.73 11.16 -8.73
C SER A 307 -14.57 9.93 -7.84
N ALA A 308 -15.67 9.46 -7.27
CA ALA A 308 -15.63 8.27 -6.44
C ALA A 308 -14.97 7.15 -7.22
N LEU A 309 -15.28 7.07 -8.52
CA LEU A 309 -14.69 6.02 -9.34
C LEU A 309 -13.28 6.33 -9.81
N ILE A 310 -12.91 7.61 -9.91
CA ILE A 310 -11.54 7.94 -10.29
C ILE A 310 -10.67 7.61 -9.07
N ASP A 311 -11.19 7.85 -7.88
CA ASP A 311 -10.50 7.59 -6.61
C ASP A 311 -10.15 6.12 -6.44
N GLN A 312 -11.04 5.24 -6.86
CA GLN A 312 -10.80 3.82 -6.75
C GLN A 312 -9.59 3.51 -7.63
N GLU A 313 -9.59 4.09 -8.83
CA GLU A 313 -8.49 3.83 -9.73
C GLU A 313 -7.21 4.45 -9.20
N ILE A 314 -7.28 5.70 -8.73
CA ILE A 314 -6.09 6.35 -8.21
C ILE A 314 -5.44 5.56 -7.08
N ASN A 315 -6.24 5.04 -6.15
CA ASN A 315 -5.71 4.26 -5.04
C ASN A 315 -4.87 3.12 -5.56
N VAL A 316 -5.40 2.41 -6.55
CA VAL A 316 -4.69 1.30 -7.09
C VAL A 316 -3.36 1.73 -7.66
N LEU A 317 -3.36 2.84 -8.40
CA LEU A 317 -2.17 3.39 -9.02
C LEU A 317 -1.14 3.93 -8.04
N ARG A 318 -1.61 4.49 -6.94
CA ARG A 318 -0.73 5.05 -5.93
C ARG A 318 -0.01 3.89 -5.22
N GLN A 319 -0.75 2.81 -4.98
CA GLN A 319 -0.17 1.65 -4.34
C GLN A 319 0.89 1.07 -5.28
N GLN A 320 0.59 1.06 -6.58
CA GLN A 320 1.52 0.55 -7.57
C GLN A 320 2.79 1.38 -7.73
N ALA A 321 2.67 2.69 -7.58
CA ALA A 321 3.82 3.58 -7.69
C ALA A 321 4.69 3.24 -6.50
N ALA A 322 4.04 3.02 -5.37
CA ALA A 322 4.71 2.66 -4.13
C ALA A 322 5.67 1.48 -4.35
N GLN A 323 5.21 0.41 -4.99
CA GLN A 323 6.08 -0.73 -5.23
C GLN A 323 7.17 -0.41 -6.23
N ARG A 324 6.82 0.09 -7.41
CA ARG A 324 7.82 0.43 -8.43
C ARG A 324 9.00 1.22 -7.87
N PHE A 325 8.69 2.37 -7.33
CA PHE A 325 9.69 3.25 -6.72
C PHE A 325 9.05 3.66 -5.40
N GLY A 326 9.54 4.72 -4.79
CA GLY A 326 8.95 5.17 -3.54
C GLY A 326 8.92 4.15 -2.41
N GLY A 327 9.60 3.03 -2.55
CA GLY A 327 9.61 2.03 -1.50
C GLY A 327 8.31 1.89 -0.70
N ASN A 328 8.42 1.89 0.63
CA ASN A 328 7.26 1.71 1.50
C ASN A 328 5.99 2.49 1.21
N VAL A 329 4.90 2.09 1.87
CA VAL A 329 3.59 2.71 1.69
C VAL A 329 3.48 4.10 2.31
N GLU A 330 4.26 4.37 3.35
CA GLU A 330 4.22 5.67 3.99
C GLU A 330 4.59 6.74 2.95
N ALA A 331 5.46 6.36 2.00
CA ALA A 331 5.89 7.28 0.96
C ALA A 331 4.81 7.50 -0.10
N ALA A 332 4.13 6.43 -0.46
CA ALA A 332 3.07 6.55 -1.47
C ALA A 332 1.91 7.34 -0.90
N ALA A 333 1.79 7.34 0.43
CA ALA A 333 0.69 8.04 1.09
C ALA A 333 0.76 9.56 0.97
N GLN A 334 1.86 10.09 0.43
CA GLN A 334 1.97 11.53 0.26
C GLN A 334 2.19 11.95 -1.18
N LEU A 335 1.97 11.02 -2.09
CA LEU A 335 2.13 11.36 -3.49
C LEU A 335 0.86 12.12 -3.87
N PRO A 336 1.00 13.23 -4.59
CA PRO A 336 -0.17 14.00 -4.97
C PRO A 336 -1.08 13.31 -5.99
N ARG A 337 -2.38 13.54 -5.86
CA ARG A 337 -3.40 12.97 -6.74
C ARG A 337 -3.22 13.23 -8.21
N GLU A 338 -2.87 14.46 -8.58
CA GLU A 338 -2.71 14.78 -9.99
C GLU A 338 -1.62 13.95 -10.66
N LEU A 339 -0.80 13.30 -9.87
CA LEU A 339 0.26 12.49 -10.45
C LEU A 339 -0.39 11.36 -11.26
N PHE A 340 -1.55 10.87 -10.80
CA PHE A 340 -2.23 9.78 -11.47
C PHE A 340 -3.60 10.05 -12.10
N GLU A 341 -4.07 11.30 -12.06
CA GLU A 341 -5.39 11.60 -12.63
C GLU A 341 -5.58 11.07 -14.03
N GLU A 342 -4.67 11.41 -14.92
CA GLU A 342 -4.75 10.97 -16.30
C GLU A 342 -4.78 9.43 -16.46
N GLN A 343 -3.82 8.71 -15.89
CA GLN A 343 -3.82 7.25 -16.01
C GLN A 343 -5.08 6.63 -15.43
N ALA A 344 -5.67 7.28 -14.44
CA ALA A 344 -6.87 6.74 -13.82
C ALA A 344 -8.02 6.86 -14.80
N LYS A 345 -8.11 8.02 -15.45
CA LYS A 345 -9.19 8.23 -16.40
C LYS A 345 -9.12 7.16 -17.49
N ARG A 346 -7.93 6.85 -17.98
CA ARG A 346 -7.82 5.82 -18.99
C ARG A 346 -8.26 4.48 -18.41
N ARG A 347 -7.84 4.17 -17.19
CA ARG A 347 -8.24 2.90 -16.60
C ARG A 347 -9.75 2.80 -16.58
N VAL A 348 -10.43 3.90 -16.30
CA VAL A 348 -11.88 3.86 -16.27
C VAL A 348 -12.39 3.56 -17.68
N VAL A 349 -11.92 4.34 -18.64
CA VAL A 349 -12.30 4.20 -20.04
C VAL A 349 -12.03 2.78 -20.54
N VAL A 350 -10.76 2.37 -20.57
CA VAL A 350 -10.45 1.03 -21.04
C VAL A 350 -11.27 0.02 -20.28
N GLY A 351 -11.64 0.38 -19.06
CA GLY A 351 -12.43 -0.52 -18.22
C GLY A 351 -13.85 -0.69 -18.72
N LEU A 352 -14.39 0.36 -19.33
CA LEU A 352 -15.74 0.30 -19.85
C LEU A 352 -15.69 -0.34 -21.22
N LEU A 353 -14.58 -0.19 -21.92
CA LEU A 353 -14.46 -0.79 -23.25
C LEU A 353 -14.55 -2.30 -23.16
N LEU A 354 -13.74 -2.89 -22.27
CA LEU A 354 -13.75 -4.33 -22.10
C LEU A 354 -14.95 -4.77 -21.29
N GLY A 355 -15.50 -3.85 -20.51
CA GLY A 355 -16.67 -4.18 -19.72
C GLY A 355 -17.85 -4.47 -20.62
N GLU A 356 -18.18 -3.51 -21.48
CA GLU A 356 -19.30 -3.65 -22.39
C GLU A 356 -19.19 -4.97 -23.18
N VAL A 357 -18.01 -5.23 -23.74
CA VAL A 357 -17.81 -6.47 -24.49
C VAL A 357 -18.08 -7.69 -23.62
N ILE A 358 -17.67 -7.64 -22.36
CA ILE A 358 -17.87 -8.77 -21.45
C ILE A 358 -19.33 -8.95 -21.02
N ARG A 359 -19.97 -7.84 -20.65
CA ARG A 359 -21.36 -7.92 -20.20
C ARG A 359 -22.27 -8.35 -21.33
N THR A 360 -22.13 -7.70 -22.48
CA THR A 360 -22.96 -7.99 -23.63
C THR A 360 -22.96 -9.45 -24.07
N HIS A 361 -21.80 -10.11 -23.99
CA HIS A 361 -21.73 -11.51 -24.40
C HIS A 361 -21.60 -12.48 -23.24
N GLU A 362 -21.85 -11.97 -22.02
CA GLU A 362 -21.74 -12.76 -20.81
C GLU A 362 -20.44 -13.57 -20.80
N LEU A 363 -19.34 -12.92 -21.18
CA LEU A 363 -18.05 -13.60 -21.21
C LEU A 363 -17.52 -13.72 -19.77
N LYS A 364 -17.04 -14.91 -19.42
CA LYS A 364 -16.53 -15.19 -18.09
C LYS A 364 -15.00 -15.27 -18.09
N ALA A 365 -14.37 -14.37 -17.34
CA ALA A 365 -12.92 -14.35 -17.27
C ALA A 365 -12.42 -13.93 -15.90
N ASP A 366 -11.18 -14.30 -15.60
CA ASP A 366 -10.51 -14.00 -14.32
C ASP A 366 -10.39 -12.49 -14.03
N GLU A 367 -11.20 -12.01 -13.09
CA GLU A 367 -11.22 -10.59 -12.71
C GLU A 367 -9.82 -10.04 -12.51
N GLU A 368 -8.90 -10.90 -12.11
CA GLU A 368 -7.53 -10.50 -11.87
C GLU A 368 -6.77 -10.34 -13.20
N LYS A 369 -7.11 -11.16 -14.18
CA LYS A 369 -6.45 -11.06 -15.47
C LYS A 369 -6.96 -9.85 -16.24
N VAL A 370 -8.26 -9.62 -16.20
CA VAL A 370 -8.80 -8.48 -16.91
C VAL A 370 -8.19 -7.19 -16.37
N LYS A 371 -8.02 -7.11 -15.06
CA LYS A 371 -7.42 -5.92 -14.45
C LYS A 371 -6.00 -5.71 -14.96
N ALA A 372 -5.22 -6.77 -14.97
CA ALA A 372 -3.85 -6.69 -15.44
C ALA A 372 -3.86 -6.11 -16.85
N LEU A 373 -4.77 -6.62 -17.67
CA LEU A 373 -4.87 -6.13 -19.03
C LEU A 373 -5.23 -4.65 -18.98
N ILE A 374 -6.24 -4.29 -18.20
CA ILE A 374 -6.64 -2.90 -18.13
C ILE A 374 -5.46 -2.04 -17.75
N THR A 375 -4.76 -2.45 -16.69
CA THR A 375 -3.60 -1.72 -16.20
C THR A 375 -2.61 -1.43 -17.31
N GLU A 376 -2.30 -2.47 -18.05
CA GLU A 376 -1.35 -2.37 -19.15
C GLU A 376 -1.78 -1.39 -20.24
N MET A 377 -3.02 -1.52 -20.71
CA MET A 377 -3.51 -0.64 -21.77
C MET A 377 -3.64 0.80 -21.32
N ALA A 378 -3.86 1.01 -20.03
CA ALA A 378 -4.01 2.35 -19.50
C ALA A 378 -2.67 3.09 -19.38
N THR A 379 -1.61 2.34 -19.08
CA THR A 379 -0.28 2.95 -18.94
C THR A 379 0.53 2.85 -20.24
N ALA A 380 0.24 1.82 -21.04
CA ALA A 380 0.91 1.57 -22.32
C ALA A 380 2.42 1.57 -22.24
N TYR A 381 2.95 1.06 -21.13
CA TYR A 381 4.38 1.02 -20.91
C TYR A 381 4.86 -0.42 -20.73
N HIS B 3 -16.68 5.15 24.02
CA HIS B 3 -15.73 4.18 23.41
C HIS B 3 -16.45 3.12 22.60
N MET B 4 -15.75 2.53 21.62
CA MET B 4 -16.31 1.48 20.78
C MET B 4 -15.96 0.13 21.40
N GLN B 5 -16.83 -0.85 21.17
CA GLN B 5 -16.62 -2.19 21.72
C GLN B 5 -16.45 -3.22 20.60
N VAL B 6 -15.68 -4.25 20.89
CA VAL B 6 -15.43 -5.31 19.93
C VAL B 6 -15.30 -6.66 20.63
N THR B 7 -15.77 -7.70 19.96
CA THR B 7 -15.62 -9.07 20.47
C THR B 7 -15.12 -9.89 19.27
N VAL B 8 -14.17 -10.80 19.50
CA VAL B 8 -13.63 -11.61 18.41
C VAL B 8 -14.09 -13.05 18.49
N GLU B 9 -14.55 -13.58 17.38
CA GLU B 9 -14.99 -14.96 17.36
C GLU B 9 -14.15 -15.74 16.40
N THR B 10 -13.79 -16.95 16.80
CA THR B 10 -13.01 -17.82 15.93
C THR B 10 -13.99 -18.73 15.23
N LEU B 11 -13.76 -19.00 13.95
CA LEU B 11 -14.65 -19.87 13.22
C LEU B 11 -13.88 -21.03 12.63
N GLU B 12 -14.48 -21.67 11.62
CA GLU B 12 -13.86 -22.78 10.95
C GLU B 12 -12.69 -22.20 10.18
N GLY B 13 -11.53 -22.85 10.31
CA GLY B 13 -10.35 -22.39 9.61
C GLY B 13 -9.80 -21.05 10.07
N LEU B 14 -9.13 -20.36 9.15
CA LEU B 14 -8.53 -19.06 9.43
C LEU B 14 -9.58 -17.95 9.32
N GLN B 15 -10.83 -18.31 9.61
CA GLN B 15 -11.94 -17.37 9.53
C GLN B 15 -12.28 -16.83 10.91
N ARG B 16 -12.27 -15.50 11.02
CA ARG B 16 -12.59 -14.83 12.29
C ARG B 16 -13.70 -13.82 12.03
N ARG B 17 -14.49 -13.53 13.06
CA ARG B 17 -15.56 -12.56 12.93
C ARG B 17 -15.46 -11.48 14.01
N LEU B 18 -15.61 -10.21 13.63
CA LEU B 18 -15.54 -9.16 14.63
C LEU B 18 -16.90 -8.53 14.81
N ASN B 19 -17.29 -8.34 16.06
CA ASN B 19 -18.58 -7.74 16.38
C ASN B 19 -18.30 -6.37 16.96
N ILE B 20 -18.34 -5.36 16.12
CA ILE B 20 -18.05 -3.99 16.52
C ILE B 20 -19.32 -3.18 16.81
N THR B 21 -19.28 -2.40 17.89
CA THR B 21 -20.39 -1.53 18.27
C THR B 21 -19.84 -0.13 18.29
N VAL B 22 -20.58 0.81 17.73
CA VAL B 22 -20.14 2.20 17.68
C VAL B 22 -21.20 3.09 18.28
N PRO B 23 -20.79 4.00 19.17
CA PRO B 23 -21.69 4.94 19.82
C PRO B 23 -22.55 5.70 18.79
N ALA B 24 -23.87 5.72 18.98
CA ALA B 24 -24.77 6.40 18.06
C ALA B 24 -24.33 7.81 17.71
N ALA B 25 -23.89 8.57 18.70
CA ALA B 25 -23.44 9.93 18.50
C ALA B 25 -22.58 10.08 17.25
N ASN B 26 -21.60 9.20 17.10
CA ASN B 26 -20.70 9.24 15.95
C ASN B 26 -21.48 9.31 14.64
N ILE B 27 -22.33 8.32 14.40
CA ILE B 27 -23.11 8.31 13.17
C ILE B 27 -24.08 9.49 13.08
N GLU B 28 -24.88 9.66 14.12
CA GLU B 28 -25.87 10.72 14.13
C GLU B 28 -25.31 12.13 13.98
N ASP B 29 -24.22 12.43 14.69
CA ASP B 29 -23.62 13.76 14.59
C ASP B 29 -23.12 14.06 13.18
N ALA B 30 -22.43 13.09 12.59
CA ALA B 30 -21.89 13.23 11.26
C ALA B 30 -22.98 13.38 10.21
N VAL B 31 -24.03 12.57 10.32
CA VAL B 31 -25.12 12.66 9.35
C VAL B 31 -25.77 14.04 9.41
N ALA B 32 -25.89 14.57 10.62
CA ALA B 32 -26.49 15.89 10.77
C ALA B 32 -25.61 16.88 10.04
N ALA B 33 -24.36 16.98 10.48
CA ALA B 33 -23.40 17.90 9.88
C ALA B 33 -23.47 17.92 8.36
N GLU B 34 -23.21 16.77 7.73
CA GLU B 34 -23.23 16.73 6.29
C GLU B 34 -24.52 17.25 5.70
N LEU B 35 -25.64 17.01 6.36
CA LEU B 35 -26.90 17.53 5.83
C LEU B 35 -26.84 19.04 5.88
N ARG B 36 -26.43 19.59 7.02
CA ARG B 36 -26.32 21.02 7.17
C ARG B 36 -25.41 21.55 6.07
N ASN B 37 -24.40 20.78 5.71
CA ASN B 37 -23.49 21.20 4.65
C ASN B 37 -24.24 21.23 3.34
N ILE B 38 -24.84 20.10 2.96
CA ILE B 38 -25.58 20.01 1.71
C ILE B 38 -26.58 21.16 1.56
N ALA B 39 -27.23 21.53 2.65
CA ALA B 39 -28.19 22.62 2.61
C ALA B 39 -27.46 23.94 2.32
N LYS B 40 -26.35 24.16 3.01
CA LYS B 40 -25.59 25.38 2.84
C LYS B 40 -24.89 25.52 1.49
N ASN B 41 -24.54 24.41 0.86
CA ASN B 41 -23.81 24.49 -0.41
C ASN B 41 -24.50 23.95 -1.65
N ARG B 42 -25.80 23.72 -1.58
CA ARG B 42 -26.52 23.20 -2.75
C ARG B 42 -27.70 24.11 -3.06
N ARG B 43 -27.82 24.48 -4.33
CA ARG B 43 -28.91 25.35 -4.77
C ARG B 43 -30.10 24.48 -5.15
N PHE B 44 -31.18 24.59 -4.38
CA PHE B 44 -32.38 23.81 -4.67
C PHE B 44 -33.40 24.67 -5.39
N ASP B 45 -34.04 24.09 -6.40
CA ASP B 45 -35.05 24.81 -7.17
C ASP B 45 -36.14 25.30 -6.23
N GLY B 46 -36.36 26.60 -6.21
CA GLY B 46 -37.39 27.16 -5.35
C GLY B 46 -36.85 27.85 -4.10
N PHE B 47 -35.56 27.73 -3.87
CA PHE B 47 -34.95 28.35 -2.69
C PHE B 47 -33.59 28.92 -3.06
N ARG B 48 -33.16 29.90 -2.29
CA ARG B 48 -31.86 30.53 -2.51
C ARG B 48 -30.81 29.77 -1.71
N LYS B 49 -29.59 29.71 -2.23
CA LYS B 49 -28.51 29.00 -1.56
C LYS B 49 -28.62 29.21 -0.04
N GLY B 50 -28.35 28.15 0.71
CA GLY B 50 -28.43 28.25 2.16
C GLY B 50 -29.89 28.32 2.58
N LYS B 51 -30.17 27.88 3.80
CA LYS B 51 -31.54 27.88 4.31
C LYS B 51 -32.59 27.45 3.27
N VAL B 52 -32.90 26.16 3.33
CA VAL B 52 -33.88 25.52 2.46
C VAL B 52 -34.51 24.54 3.44
N PRO B 53 -35.75 24.09 3.20
CA PRO B 53 -36.30 23.15 4.18
C PRO B 53 -35.34 22.00 4.49
N MET B 54 -34.88 21.95 5.73
CA MET B 54 -33.98 20.90 6.18
C MET B 54 -34.74 19.61 5.93
N LYS B 55 -36.03 19.65 6.25
CA LYS B 55 -36.94 18.53 6.07
C LYS B 55 -36.82 18.02 4.63
N MET B 56 -36.69 18.95 3.70
CA MET B 56 -36.58 18.63 2.28
C MET B 56 -35.25 17.99 1.89
N VAL B 57 -34.14 18.58 2.32
CA VAL B 57 -32.83 18.03 1.99
C VAL B 57 -32.71 16.63 2.58
N ALA B 58 -33.33 16.41 3.73
CA ALA B 58 -33.29 15.12 4.39
C ALA B 58 -34.05 14.06 3.60
N LYS B 59 -35.12 14.45 2.93
CA LYS B 59 -35.90 13.51 2.14
C LYS B 59 -35.20 13.17 0.83
N MET B 60 -34.29 14.03 0.40
CA MET B 60 -33.56 13.81 -0.84
C MET B 60 -32.19 13.16 -0.61
N TYR B 61 -31.55 13.47 0.51
CA TYR B 61 -30.23 12.91 0.78
C TYR B 61 -30.12 12.23 2.13
N GLY B 62 -31.19 12.23 2.91
CA GLY B 62 -31.15 11.60 4.22
C GLY B 62 -30.58 10.20 4.20
N LYS B 63 -31.14 9.34 3.34
CA LYS B 63 -30.68 7.96 3.20
C LYS B 63 -29.25 7.93 2.70
N ALA B 64 -29.05 8.53 1.53
CA ALA B 64 -27.73 8.59 0.88
C ALA B 64 -26.62 9.01 1.83
N VAL B 65 -26.82 10.12 2.52
CA VAL B 65 -25.81 10.57 3.44
C VAL B 65 -25.57 9.55 4.55
N ARG B 66 -26.61 8.78 4.90
CA ARG B 66 -26.48 7.77 5.94
C ARG B 66 -25.62 6.60 5.46
N GLN B 67 -25.74 6.26 4.19
CA GLN B 67 -24.94 5.18 3.62
C GLN B 67 -23.45 5.54 3.65
N ASP B 68 -23.15 6.79 3.36
CA ASP B 68 -21.77 7.24 3.36
C ASP B 68 -21.18 7.37 4.75
N VAL B 69 -21.92 7.98 5.66
CA VAL B 69 -21.43 8.13 7.02
C VAL B 69 -21.21 6.73 7.55
N LEU B 70 -22.16 5.86 7.26
CA LEU B 70 -22.08 4.48 7.71
C LEU B 70 -20.83 3.79 7.16
N GLY B 71 -20.62 3.87 5.85
CA GLY B 71 -19.46 3.23 5.24
C GLY B 71 -18.15 3.73 5.82
N GLU B 72 -18.09 5.00 6.18
CA GLU B 72 -16.90 5.61 6.72
C GLU B 72 -16.66 5.13 8.15
N VAL B 73 -17.74 5.02 8.93
CA VAL B 73 -17.65 4.60 10.31
C VAL B 73 -17.24 3.14 10.44
N MET B 74 -17.82 2.26 9.62
CA MET B 74 -17.45 0.86 9.70
C MET B 74 -15.95 0.69 9.47
N GLN B 75 -15.46 1.16 8.32
CA GLN B 75 -14.04 1.07 7.98
C GLN B 75 -13.17 1.65 9.09
N ARG B 76 -13.39 2.91 9.46
CA ARG B 76 -12.59 3.51 10.50
C ARG B 76 -12.52 2.64 11.76
N HIS B 77 -13.63 1.98 12.11
CA HIS B 77 -13.63 1.13 13.30
C HIS B 77 -13.18 -0.29 13.03
N PHE B 78 -13.20 -0.69 11.78
CA PHE B 78 -12.72 -2.01 11.48
C PHE B 78 -11.23 -1.97 11.75
N ILE B 79 -10.58 -0.97 11.20
CA ILE B 79 -9.14 -0.79 11.35
C ILE B 79 -8.75 -0.58 12.80
N GLU B 80 -9.56 0.20 13.52
CA GLU B 80 -9.26 0.45 14.92
C GLU B 80 -9.34 -0.82 15.75
N ALA B 81 -10.27 -1.71 15.38
CA ALA B 81 -10.44 -2.97 16.11
C ALA B 81 -9.22 -3.80 15.82
N ILE B 82 -9.01 -4.11 14.54
CA ILE B 82 -7.86 -4.87 14.05
C ILE B 82 -6.60 -4.47 14.83
N VAL B 83 -6.36 -3.17 14.93
CA VAL B 83 -5.22 -2.64 15.65
C VAL B 83 -5.30 -3.00 17.12
N LYS B 84 -6.37 -2.59 17.79
CA LYS B 84 -6.53 -2.88 19.22
C LYS B 84 -6.51 -4.37 19.51
N GLU B 85 -7.05 -5.17 18.60
CA GLU B 85 -7.08 -6.62 18.76
C GLU B 85 -5.82 -7.29 18.21
N LYS B 86 -4.89 -6.49 17.72
CA LYS B 86 -3.65 -7.00 17.14
C LYS B 86 -3.95 -8.21 16.27
N ILE B 87 -4.69 -7.99 15.18
CA ILE B 87 -5.07 -9.06 14.27
C ILE B 87 -4.67 -8.66 12.86
N ASN B 88 -3.91 -9.51 12.18
CA ASN B 88 -3.47 -9.17 10.82
C ASN B 88 -4.30 -9.86 9.75
N PRO B 89 -5.28 -9.15 9.18
CA PRO B 89 -6.14 -9.71 8.13
C PRO B 89 -5.33 -10.14 6.92
N ALA B 90 -5.71 -11.27 6.35
CA ALA B 90 -5.04 -11.82 5.17
C ALA B 90 -6.00 -11.73 4.01
N GLY B 91 -7.03 -10.91 4.20
CA GLY B 91 -8.04 -10.73 3.18
C GLY B 91 -8.82 -9.46 3.49
N ALA B 92 -9.67 -9.06 2.57
CA ALA B 92 -10.48 -7.88 2.79
C ALA B 92 -11.67 -8.32 3.64
N PRO B 93 -12.11 -7.46 4.56
CA PRO B 93 -13.23 -7.79 5.42
C PRO B 93 -14.59 -7.65 4.74
N THR B 94 -15.51 -8.56 5.04
CA THR B 94 -16.85 -8.48 4.51
C THR B 94 -17.74 -7.95 5.63
N PHE B 95 -18.22 -6.72 5.50
CA PHE B 95 -19.07 -6.12 6.51
C PHE B 95 -20.53 -6.56 6.42
N ALA B 96 -21.21 -6.57 7.56
CA ALA B 96 -22.62 -6.96 7.63
C ALA B 96 -23.32 -6.11 8.69
N PRO B 97 -24.48 -5.55 8.37
CA PRO B 97 -25.20 -4.72 9.34
C PRO B 97 -26.04 -5.53 10.31
N VAL B 98 -25.81 -5.33 11.60
CA VAL B 98 -26.57 -6.03 12.60
C VAL B 98 -27.61 -5.07 13.13
N GLU B 99 -27.16 -3.87 13.49
CA GLU B 99 -28.04 -2.82 13.99
C GLU B 99 -27.59 -1.52 13.33
N ILE B 100 -28.42 -0.99 12.44
CA ILE B 100 -28.11 0.26 11.77
C ILE B 100 -29.24 1.24 11.96
N GLY B 101 -30.16 0.89 12.86
CA GLY B 101 -31.29 1.73 13.15
C GLY B 101 -30.90 3.13 13.54
N GLU B 102 -31.63 4.10 13.00
CA GLU B 102 -31.40 5.50 13.28
C GLU B 102 -31.56 5.78 14.77
N GLY B 103 -30.61 6.51 15.36
CA GLY B 103 -30.68 6.84 16.77
C GLY B 103 -30.13 5.77 17.70
N LYS B 104 -29.95 4.56 17.18
CA LYS B 104 -29.44 3.46 17.98
C LYS B 104 -27.96 3.20 17.73
N ASP B 105 -27.26 2.71 18.75
CA ASP B 105 -25.84 2.38 18.61
C ASP B 105 -25.64 1.54 17.34
N LEU B 106 -24.52 1.72 16.68
CA LEU B 106 -24.28 0.98 15.46
C LEU B 106 -23.66 -0.37 15.77
N VAL B 107 -24.24 -1.43 15.23
CA VAL B 107 -23.68 -2.75 15.45
C VAL B 107 -23.52 -3.42 14.11
N PHE B 108 -22.31 -3.90 13.82
CA PHE B 108 -22.08 -4.57 12.56
C PHE B 108 -21.01 -5.62 12.73
N THR B 109 -20.96 -6.58 11.83
CA THR B 109 -19.95 -7.64 11.89
C THR B 109 -18.89 -7.46 10.81
N ALA B 110 -17.67 -7.84 11.12
CA ALA B 110 -16.58 -7.76 10.16
C ALA B 110 -15.97 -9.14 10.05
N THR B 111 -16.41 -9.89 9.05
CA THR B 111 -15.89 -11.24 8.84
C THR B 111 -14.70 -11.22 7.87
N PHE B 112 -13.70 -12.05 8.13
CA PHE B 112 -12.52 -12.06 7.25
C PHE B 112 -11.54 -13.18 7.60
N GLU B 113 -10.48 -13.29 6.81
CA GLU B 113 -9.47 -14.31 7.06
C GLU B 113 -8.20 -13.73 7.64
N VAL B 114 -7.50 -14.53 8.44
CA VAL B 114 -6.27 -14.12 9.07
C VAL B 114 -5.12 -15.02 8.61
N TYR B 115 -3.91 -14.72 9.08
CA TYR B 115 -2.75 -15.55 8.72
C TYR B 115 -2.66 -16.69 9.74
N PRO B 116 -2.31 -17.90 9.27
CA PRO B 116 -2.18 -19.05 10.17
C PRO B 116 -1.17 -18.82 11.29
N GLU B 117 -1.45 -19.40 12.45
CA GLU B 117 -0.60 -19.25 13.64
C GLU B 117 0.39 -20.38 13.87
N VAL B 118 0.03 -21.59 13.46
CA VAL B 118 0.90 -22.74 13.64
C VAL B 118 2.32 -22.46 13.14
N GLU B 119 3.30 -22.75 14.00
CA GLU B 119 4.70 -22.56 13.65
C GLU B 119 5.06 -23.53 12.52
N LEU B 120 6.08 -23.19 11.74
CA LEU B 120 6.51 -24.05 10.63
C LEU B 120 7.15 -25.31 11.20
N LYS B 121 6.83 -26.46 10.61
CA LYS B 121 7.37 -27.72 11.09
C LYS B 121 8.91 -27.68 11.21
N GLY B 122 9.40 -28.07 12.37
CA GLY B 122 10.83 -28.10 12.61
C GLY B 122 11.46 -26.74 12.77
N LEU B 123 10.68 -25.66 12.59
CA LEU B 123 11.19 -24.30 12.69
C LEU B 123 10.54 -23.45 13.76
N GLU B 124 9.76 -24.07 14.64
CA GLU B 124 9.07 -23.35 15.72
C GLU B 124 9.97 -22.39 16.52
N ASN B 125 9.66 -21.10 16.48
CA ASN B 125 10.42 -20.09 17.22
C ASN B 125 11.92 -20.24 17.01
N ILE B 126 12.33 -20.64 15.81
CA ILE B 126 13.74 -20.81 15.54
C ILE B 126 14.45 -19.48 15.23
N ALA B 127 13.68 -18.45 14.91
CA ALA B 127 14.29 -17.16 14.61
C ALA B 127 13.69 -16.07 15.46
N VAL B 128 14.55 -15.24 16.05
CA VAL B 128 14.04 -14.17 16.89
C VAL B 128 14.78 -12.85 16.69
N GLU B 129 14.09 -11.77 17.02
CA GLU B 129 14.61 -10.44 16.88
C GLU B 129 15.13 -9.94 18.23
N LYS B 130 16.20 -9.16 18.21
CA LYS B 130 16.75 -8.60 19.45
C LYS B 130 15.62 -7.83 20.16
N PRO B 131 15.77 -7.51 21.45
CA PRO B 131 14.75 -6.78 22.20
C PRO B 131 14.09 -5.58 21.46
N ALA B 132 14.33 -4.37 21.97
CA ALA B 132 13.79 -3.13 21.40
C ALA B 132 12.43 -3.31 20.74
N ASP B 137 22.37 -0.33 16.38
CA ASP B 137 21.19 -0.93 16.98
C ASP B 137 19.93 -0.34 16.37
N ALA B 138 19.97 0.95 16.09
CA ALA B 138 18.81 1.66 15.51
C ALA B 138 18.86 1.71 14.00
N ASP B 139 19.77 1.12 13.36
CA ASP B 139 19.88 0.83 11.95
C ASP B 139 21.26 0.34 11.61
N VAL B 140 21.77 0.45 10.51
CA VAL B 140 22.93 -0.26 9.96
C VAL B 140 24.01 -0.45 11.02
N ALA B 141 23.65 -0.22 12.27
CA ALA B 141 24.58 -0.38 13.38
C ALA B 141 24.45 -1.81 13.90
N GLU B 142 23.23 -2.16 14.29
CA GLU B 142 22.93 -3.50 14.81
C GLU B 142 23.38 -4.58 13.82
N MET B 143 23.32 -4.27 12.53
CA MET B 143 23.73 -5.23 11.51
C MET B 143 25.25 -5.42 11.47
N LEU B 144 26.01 -4.33 11.62
CA LEU B 144 27.45 -4.47 11.60
C LEU B 144 27.77 -5.39 12.75
N GLU B 145 27.04 -5.21 13.83
CA GLU B 145 27.22 -6.03 15.02
C GLU B 145 26.84 -7.48 14.76
N THR B 146 25.75 -7.69 14.02
CA THR B 146 25.29 -9.04 13.68
C THR B 146 26.38 -9.72 12.85
N LEU B 147 26.94 -8.97 11.91
CA LEU B 147 27.99 -9.51 11.05
C LEU B 147 29.23 -9.79 11.88
N ARG B 148 29.40 -9.06 12.96
CA ARG B 148 30.53 -9.23 13.84
C ARG B 148 30.42 -10.59 14.52
N LYS B 149 29.29 -10.83 15.18
CA LYS B 149 29.02 -12.10 15.86
C LYS B 149 29.05 -13.32 14.94
N GLN B 150 28.60 -13.13 13.70
CA GLN B 150 28.58 -14.24 12.74
C GLN B 150 30.00 -14.56 12.30
N GLN B 151 30.85 -13.53 12.30
CA GLN B 151 32.24 -13.72 11.89
C GLN B 151 33.10 -14.09 13.09
N ALA B 152 32.45 -14.19 14.24
CA ALA B 152 33.14 -14.55 15.48
C ALA B 152 33.40 -16.03 15.48
N THR B 153 34.50 -16.43 16.11
CA THR B 153 34.83 -17.84 16.18
C THR B 153 34.96 -18.28 17.64
N TRP B 154 34.39 -19.43 17.95
CA TRP B 154 34.46 -19.93 19.31
C TRP B 154 35.80 -20.63 19.52
N LYS B 155 36.51 -20.27 20.57
CA LYS B 155 37.78 -20.92 20.82
C LYS B 155 37.96 -21.37 22.27
N GLU B 156 38.51 -22.56 22.43
CA GLU B 156 38.72 -23.13 23.75
C GLU B 156 39.55 -22.22 24.64
N VAL B 157 39.21 -22.19 25.92
CA VAL B 157 39.94 -21.37 26.86
C VAL B 157 40.04 -22.07 28.22
N ASP B 158 41.13 -21.83 28.95
CA ASP B 158 41.28 -22.45 30.25
C ASP B 158 40.37 -21.80 31.27
N GLU B 159 39.35 -21.12 30.78
CA GLU B 159 38.39 -20.42 31.64
C GLU B 159 37.34 -21.40 32.17
N ALA B 160 36.53 -20.93 33.10
CA ALA B 160 35.47 -21.74 33.67
C ALA B 160 34.14 -21.34 33.05
N ALA B 161 33.11 -22.15 33.27
CA ALA B 161 31.79 -21.88 32.73
C ALA B 161 31.12 -20.68 33.44
N GLU B 162 30.95 -19.60 32.70
CA GLU B 162 30.32 -18.39 33.21
C GLU B 162 29.47 -17.85 32.07
N ASN B 163 28.54 -16.95 32.38
CA ASN B 163 27.66 -16.37 31.35
C ASN B 163 28.48 -15.90 30.17
N GLY B 164 28.07 -16.32 28.99
CA GLY B 164 28.79 -15.93 27.79
C GLY B 164 29.55 -17.07 27.15
N LYS B 165 30.26 -17.85 27.96
CA LYS B 165 31.05 -18.97 27.45
C LYS B 165 30.16 -20.10 26.98
N ARG B 166 30.66 -20.90 26.05
CA ARG B 166 29.90 -22.03 25.58
C ARG B 166 30.55 -23.29 26.15
N VAL B 167 29.78 -24.08 26.88
CA VAL B 167 30.34 -25.28 27.51
C VAL B 167 29.83 -26.56 26.94
N SER B 168 30.71 -27.30 26.28
CA SER B 168 30.34 -28.59 25.71
C SER B 168 30.28 -29.61 26.86
N ILE B 169 29.14 -30.26 27.02
CA ILE B 169 29.00 -31.22 28.10
C ILE B 169 28.32 -32.52 27.69
N ASP B 170 28.59 -33.57 28.46
CA ASP B 170 27.95 -34.88 28.28
C ASP B 170 27.19 -35.03 29.59
N PHE B 171 25.97 -35.53 29.53
CA PHE B 171 25.21 -35.70 30.74
C PHE B 171 24.22 -36.84 30.63
N VAL B 172 23.96 -37.48 31.75
CA VAL B 172 23.03 -38.58 31.79
C VAL B 172 22.25 -38.42 33.09
N GLY B 173 20.96 -38.20 32.95
CA GLY B 173 20.10 -37.99 34.09
C GLY B 173 19.52 -39.29 34.57
N SER B 174 19.10 -39.30 35.83
CA SER B 174 18.53 -40.48 36.47
C SER B 174 17.82 -40.07 37.74
N ILE B 175 16.89 -40.92 38.20
CA ILE B 175 16.17 -40.63 39.42
C ILE B 175 16.72 -41.35 40.64
N ASP B 176 16.53 -42.66 40.71
CA ASP B 176 17.03 -43.41 41.86
C ASP B 176 18.07 -44.40 41.35
N GLY B 177 18.98 -43.89 40.53
CA GLY B 177 20.02 -44.73 39.94
C GLY B 177 19.52 -45.30 38.62
N VAL B 178 18.28 -44.96 38.27
CA VAL B 178 17.67 -45.42 37.04
C VAL B 178 17.66 -44.31 36.00
N GLU B 179 18.25 -44.59 34.83
CA GLU B 179 18.31 -43.59 33.76
C GLU B 179 17.01 -43.55 32.96
N PHE B 180 16.33 -42.41 33.00
CA PHE B 180 15.08 -42.25 32.26
C PHE B 180 15.36 -41.92 30.80
N GLU B 181 14.37 -42.19 29.95
CA GLU B 181 14.54 -41.96 28.52
C GLU B 181 14.76 -40.51 28.11
N GLY B 182 15.79 -40.29 27.31
CA GLY B 182 16.10 -38.95 26.83
C GLY B 182 16.83 -38.06 27.80
N GLY B 183 17.56 -38.66 28.73
CA GLY B 183 18.30 -37.89 29.71
C GLY B 183 19.78 -38.01 29.46
N LYS B 184 20.15 -38.60 28.32
CA LYS B 184 21.55 -38.77 28.00
C LYS B 184 21.91 -37.99 26.73
N ALA B 185 22.87 -37.06 26.86
CA ALA B 185 23.33 -36.23 25.75
C ALA B 185 24.86 -36.11 25.71
N GLU B 186 25.43 -36.19 24.50
CA GLU B 186 26.88 -36.07 24.30
C GLU B 186 27.17 -34.76 23.59
N ASN B 187 28.35 -34.19 23.83
CA ASN B 187 28.73 -32.95 23.20
C ASN B 187 27.60 -31.94 23.11
N PHE B 188 26.83 -31.82 24.18
CA PHE B 188 25.75 -30.87 24.16
C PHE B 188 26.40 -29.51 24.38
N PRO B 189 26.06 -28.52 23.56
CA PRO B 189 26.67 -27.19 23.75
C PRO B 189 25.76 -26.31 24.58
N LEU B 190 26.15 -26.08 25.83
CA LEU B 190 25.35 -25.25 26.73
C LEU B 190 25.93 -23.84 26.73
N GLU B 191 25.14 -22.88 26.29
CA GLU B 191 25.62 -21.51 26.28
C GLU B 191 25.20 -20.87 27.60
N MET B 192 26.14 -20.76 28.54
CA MET B 192 25.87 -20.16 29.84
C MET B 192 25.23 -18.81 29.64
N GLY B 193 24.09 -18.61 30.29
CA GLY B 193 23.37 -17.36 30.17
C GLY B 193 22.20 -17.40 29.20
N ALA B 194 22.05 -18.50 28.49
CA ALA B 194 20.96 -18.59 27.52
C ALA B 194 19.70 -19.15 28.14
N GLY B 195 19.79 -19.60 29.39
CA GLY B 195 18.62 -20.15 30.05
C GLY B 195 17.87 -21.14 29.14
N ARG B 196 18.56 -22.17 28.67
CA ARG B 196 17.91 -23.14 27.80
C ARG B 196 17.59 -24.44 28.51
N MET B 197 18.01 -24.55 29.77
CA MET B 197 17.76 -25.75 30.55
C MET B 197 16.88 -25.50 31.78
N ILE B 198 16.21 -26.55 32.26
CA ILE B 198 15.37 -26.43 33.45
C ILE B 198 16.21 -25.78 34.55
N PRO B 199 15.65 -24.77 35.23
CA PRO B 199 16.41 -24.10 36.30
C PRO B 199 17.06 -25.08 37.27
N GLY B 200 18.28 -24.76 37.68
CA GLY B 200 19.04 -25.61 38.57
C GLY B 200 20.16 -26.29 37.82
N PHE B 201 19.92 -26.59 36.55
CA PHE B 201 20.89 -27.25 35.69
C PHE B 201 22.10 -26.34 35.48
N GLU B 202 21.92 -25.37 34.61
CA GLU B 202 22.98 -24.43 34.31
C GLU B 202 23.49 -23.88 35.62
N ASP B 203 22.55 -23.42 36.42
CA ASP B 203 22.84 -22.80 37.69
C ASP B 203 23.68 -23.68 38.62
N GLY B 204 24.27 -24.75 38.08
CA GLY B 204 25.11 -25.66 38.86
C GLY B 204 26.26 -26.25 38.06
N ILE B 205 26.52 -25.67 36.90
CA ILE B 205 27.61 -26.11 36.05
C ILE B 205 28.58 -24.94 36.02
N VAL B 206 28.08 -23.75 36.33
CA VAL B 206 28.89 -22.55 36.35
C VAL B 206 30.02 -22.70 37.36
N GLY B 207 31.22 -22.32 36.93
CA GLY B 207 32.38 -22.42 37.79
C GLY B 207 33.22 -23.64 37.49
N LYS B 208 32.64 -24.64 36.82
CA LYS B 208 33.36 -25.86 36.49
C LYS B 208 34.22 -25.67 35.25
N THR B 209 35.32 -26.42 35.17
CA THR B 209 36.24 -26.31 34.05
C THR B 209 36.33 -27.61 33.27
N LYS B 210 37.16 -27.59 32.23
CA LYS B 210 37.34 -28.75 31.34
C LYS B 210 37.87 -30.03 31.98
N GLY B 211 37.14 -31.12 31.84
CA GLY B 211 37.56 -32.39 32.43
C GLY B 211 36.82 -32.80 33.70
N MET B 212 36.30 -31.82 34.43
CA MET B 212 35.59 -32.11 35.65
C MET B 212 34.37 -32.97 35.37
N GLU B 213 34.11 -33.89 36.29
CA GLU B 213 32.97 -34.80 36.20
C GLU B 213 32.33 -34.65 37.57
N PHE B 214 31.01 -34.61 37.60
CA PHE B 214 30.33 -34.41 38.86
C PHE B 214 28.85 -34.65 38.72
N VAL B 215 28.16 -34.68 39.84
CA VAL B 215 26.73 -34.91 39.82
C VAL B 215 26.01 -33.68 40.37
N ILE B 216 24.92 -33.27 39.71
CA ILE B 216 24.16 -32.12 40.16
C ILE B 216 22.74 -32.60 40.42
N ASP B 217 22.10 -32.01 41.43
CA ASP B 217 20.72 -32.38 41.74
C ASP B 217 19.89 -31.31 41.06
N VAL B 218 18.80 -31.72 40.43
CA VAL B 218 17.93 -30.77 39.76
C VAL B 218 16.51 -31.29 39.84
N THR B 219 15.56 -30.42 40.16
CA THR B 219 14.15 -30.82 40.24
C THR B 219 13.39 -30.26 39.04
N PHE B 220 12.61 -31.10 38.37
CA PHE B 220 11.86 -30.64 37.21
C PHE B 220 10.70 -29.72 37.62
N PRO B 221 10.50 -28.62 36.87
CA PRO B 221 9.43 -27.66 37.15
C PRO B 221 8.06 -28.32 37.01
N GLU B 222 7.08 -27.78 37.70
CA GLU B 222 5.73 -28.33 37.65
C GLU B 222 5.18 -28.21 36.22
N ASP B 223 5.36 -27.04 35.62
CA ASP B 223 4.88 -26.80 34.27
C ASP B 223 5.63 -27.65 33.25
N TYR B 224 6.42 -28.61 33.72
CA TYR B 224 7.20 -29.47 32.82
C TYR B 224 6.33 -30.36 31.92
N HIS B 225 6.73 -30.49 30.65
CA HIS B 225 5.99 -31.29 29.68
C HIS B 225 5.95 -32.79 29.91
N ALA B 226 7.10 -33.43 30.10
CA ALA B 226 7.14 -34.87 30.32
C ALA B 226 6.31 -35.25 31.55
N GLU B 227 5.44 -36.25 31.37
CA GLU B 227 4.57 -36.75 32.41
C GLU B 227 5.31 -37.43 33.56
N ASN B 228 6.23 -38.31 33.20
CA ASN B 228 7.02 -39.08 34.16
C ASN B 228 8.17 -38.33 34.84
N LEU B 229 8.21 -37.01 34.71
CA LEU B 229 9.29 -36.24 35.34
C LEU B 229 8.77 -34.98 36.02
N LYS B 230 7.58 -34.56 35.63
CA LYS B 230 6.93 -33.36 36.17
C LYS B 230 7.63 -32.68 37.32
N GLY B 231 7.47 -33.20 38.54
CA GLY B 231 8.11 -32.56 39.67
C GLY B 231 9.14 -33.46 40.34
N LYS B 232 9.48 -34.57 39.70
CA LYS B 232 10.44 -35.52 40.23
C LYS B 232 11.80 -34.86 40.50
N ALA B 233 12.47 -35.34 41.54
CA ALA B 233 13.80 -34.85 41.89
C ALA B 233 14.72 -35.75 41.08
N ALA B 234 15.76 -35.18 40.50
CA ALA B 234 16.66 -35.97 39.68
C ALA B 234 18.11 -35.60 39.85
N LYS B 235 18.97 -36.45 39.29
CA LYS B 235 20.41 -36.26 39.33
C LYS B 235 20.94 -36.32 37.92
N PHE B 236 21.86 -35.42 37.60
CA PHE B 236 22.49 -35.40 36.30
C PHE B 236 23.99 -35.55 36.50
N ALA B 237 24.54 -36.62 35.93
CA ALA B 237 25.96 -36.90 36.00
C ALA B 237 26.53 -36.12 34.80
N ILE B 238 27.30 -35.08 35.10
CA ILE B 238 27.87 -34.19 34.07
C ILE B 238 29.35 -34.44 33.82
N LYS B 239 29.78 -34.16 32.60
CA LYS B 239 31.20 -34.24 32.23
C LYS B 239 31.42 -33.02 31.35
N VAL B 240 32.30 -32.13 31.77
CA VAL B 240 32.58 -30.93 31.00
C VAL B 240 33.65 -31.22 29.95
N ASN B 241 33.26 -31.31 28.69
CA ASN B 241 34.23 -31.59 27.62
C ASN B 241 35.15 -30.43 27.31
N LYS B 242 34.63 -29.20 27.36
CA LYS B 242 35.47 -28.03 27.11
C LYS B 242 34.71 -26.72 27.25
N VAL B 243 35.47 -25.64 27.33
CA VAL B 243 34.86 -24.33 27.46
C VAL B 243 35.46 -23.39 26.42
N GLU B 244 34.60 -22.82 25.60
CA GLU B 244 35.00 -21.92 24.54
C GLU B 244 34.59 -20.48 24.80
N ALA B 245 35.32 -19.56 24.19
CA ALA B 245 35.00 -18.15 24.33
C ALA B 245 34.82 -17.62 22.91
N ARG B 246 33.97 -16.64 22.73
CA ARG B 246 33.73 -16.05 21.42
C ARG B 246 34.48 -14.75 21.31
N GLU B 247 35.50 -14.72 20.46
CA GLU B 247 36.26 -13.50 20.28
C GLU B 247 35.74 -12.77 19.06
N LEU B 248 35.12 -11.61 19.28
CA LEU B 248 34.52 -10.81 18.21
C LEU B 248 35.51 -9.94 17.44
N PRO B 249 35.49 -10.02 16.09
CA PRO B 249 36.41 -9.19 15.32
C PRO B 249 36.14 -7.70 15.60
N GLU B 250 37.05 -6.83 15.18
CA GLU B 250 36.88 -5.40 15.43
C GLU B 250 35.91 -4.70 14.49
N LEU B 251 35.31 -3.63 15.00
CA LEU B 251 34.35 -2.84 14.25
C LEU B 251 34.99 -1.54 13.79
N ASN B 252 35.97 -1.68 12.90
CA ASN B 252 36.73 -0.57 12.35
C ASN B 252 36.32 -0.22 10.91
N ASP B 253 36.87 0.88 10.40
CA ASP B 253 36.58 1.37 9.05
C ASP B 253 36.80 0.41 7.90
N GLU B 254 37.85 -0.41 7.96
CA GLU B 254 38.13 -1.36 6.89
C GLU B 254 37.11 -2.50 6.93
N PHE B 255 36.38 -2.58 8.03
CA PHE B 255 35.37 -3.60 8.22
C PHE B 255 34.06 -3.19 7.54
N VAL B 256 34.01 -1.93 7.06
CA VAL B 256 32.82 -1.40 6.42
C VAL B 256 33.06 -0.78 5.04
N ALA B 257 34.32 -0.79 4.60
CA ALA B 257 34.68 -0.25 3.31
C ALA B 257 34.51 -1.34 2.23
N ARG B 258 34.31 -2.56 2.71
CA ARG B 258 34.13 -3.72 1.86
C ARG B 258 32.85 -3.55 1.05
N PHE B 259 31.88 -2.88 1.66
CA PHE B 259 30.59 -2.63 1.02
C PHE B 259 30.59 -1.28 0.34
N GLY B 260 29.81 -1.15 -0.73
CA GLY B 260 29.76 0.11 -1.45
C GLY B 260 29.29 1.34 -0.69
N VAL B 261 28.77 2.30 -1.44
CA VAL B 261 28.29 3.56 -0.88
C VAL B 261 26.78 3.63 -0.88
N ALA B 262 26.22 4.30 0.12
CA ALA B 262 24.78 4.45 0.26
C ALA B 262 24.06 3.11 0.43
N GLU B 263 22.88 2.98 -0.19
CA GLU B 263 22.09 1.75 -0.11
C GLU B 263 22.81 0.56 -0.74
N GLY B 264 23.50 0.79 -1.86
CA GLY B 264 24.21 -0.30 -2.50
C GLY B 264 25.09 -0.96 -1.45
N GLY B 265 25.64 -0.14 -0.56
CA GLY B 265 26.48 -0.65 0.50
C GLY B 265 25.57 -1.28 1.53
N VAL B 266 24.52 -0.57 1.91
CA VAL B 266 23.57 -1.06 2.89
C VAL B 266 22.86 -2.32 2.40
N ASP B 267 23.13 -2.75 1.18
CA ASP B 267 22.53 -3.96 0.67
C ASP B 267 23.61 -5.01 0.56
N ALA B 268 24.80 -4.59 0.14
CA ALA B 268 25.91 -5.51 0.05
C ALA B 268 26.09 -6.14 1.44
N LEU B 269 25.87 -5.34 2.47
CA LEU B 269 25.98 -5.78 3.85
C LEU B 269 24.81 -6.69 4.22
N LYS B 270 23.62 -6.37 3.73
CA LYS B 270 22.47 -7.21 4.03
C LYS B 270 22.61 -8.52 3.27
N ALA B 271 23.26 -8.47 2.13
CA ALA B 271 23.44 -9.69 1.37
C ALA B 271 24.33 -10.61 2.20
N GLU B 272 25.35 -10.02 2.83
CA GLU B 272 26.31 -10.75 3.66
C GLU B 272 25.69 -11.31 4.93
N VAL B 273 24.91 -10.49 5.63
CA VAL B 273 24.27 -10.96 6.84
C VAL B 273 23.33 -12.10 6.49
N ARG B 274 22.60 -11.97 5.38
CA ARG B 274 21.68 -13.00 4.98
C ARG B 274 22.44 -14.31 4.74
N LYS B 275 23.54 -14.21 4.00
CA LYS B 275 24.37 -15.37 3.67
C LYS B 275 24.78 -16.14 4.92
N ASN B 276 25.14 -15.42 5.97
CA ASN B 276 25.54 -16.07 7.19
C ASN B 276 24.36 -16.73 7.89
N MET B 277 23.21 -16.06 7.87
CA MET B 277 22.01 -16.62 8.50
C MET B 277 21.58 -17.88 7.79
N GLU B 278 22.04 -18.05 6.57
CA GLU B 278 21.70 -19.24 5.83
C GLU B 278 22.47 -20.39 6.47
N ARG B 279 23.73 -20.16 6.81
CA ARG B 279 24.54 -21.21 7.42
C ARG B 279 24.06 -21.43 8.86
N GLU B 280 23.72 -20.34 9.54
CA GLU B 280 23.28 -20.42 10.93
C GLU B 280 21.96 -21.15 11.10
N LEU B 281 21.05 -20.98 10.16
CA LEU B 281 19.77 -21.68 10.26
C LEU B 281 19.94 -23.16 9.96
N LYS B 282 20.76 -23.47 8.95
CA LYS B 282 21.03 -24.86 8.60
C LYS B 282 21.53 -25.54 9.88
N GLN B 283 22.53 -24.94 10.51
CA GLN B 283 23.10 -25.47 11.73
C GLN B 283 22.02 -25.58 12.80
N ALA B 284 21.30 -24.49 13.03
CA ALA B 284 20.27 -24.51 14.06
C ALA B 284 19.32 -25.68 13.89
N ILE B 285 18.98 -25.98 12.65
CA ILE B 285 18.05 -27.07 12.37
C ILE B 285 18.64 -28.45 12.68
N LYS B 286 19.90 -28.68 12.30
CA LYS B 286 20.58 -29.95 12.53
C LYS B 286 20.59 -30.20 14.02
N ALA B 287 21.02 -29.19 14.75
CA ALA B 287 21.08 -29.27 16.19
C ALA B 287 19.72 -29.61 16.76
N ARG B 288 18.67 -28.98 16.24
CA ARG B 288 17.32 -29.23 16.75
C ARG B 288 16.97 -30.71 16.74
N ILE B 289 17.41 -31.40 15.70
CA ILE B 289 17.16 -32.81 15.55
C ILE B 289 17.83 -33.52 16.72
N LYS B 290 19.15 -33.40 16.76
CA LYS B 290 20.00 -33.99 17.79
C LYS B 290 19.57 -33.59 19.22
N GLU B 291 18.83 -32.50 19.35
CA GLU B 291 18.38 -32.03 20.67
C GLU B 291 16.95 -32.39 20.96
N GLN B 292 16.45 -33.40 20.25
CA GLN B 292 15.08 -33.84 20.46
C GLN B 292 15.14 -35.01 21.43
N ALA B 293 14.08 -35.15 22.22
CA ALA B 293 14.03 -36.23 23.20
C ALA B 293 14.95 -35.95 24.40
N ILE B 294 15.84 -34.98 24.26
CA ILE B 294 16.75 -34.67 25.35
C ILE B 294 16.05 -33.91 26.46
N GLU B 295 15.60 -34.65 27.47
CA GLU B 295 14.90 -34.08 28.61
C GLU B 295 15.80 -33.10 29.38
N GLY B 296 15.17 -32.14 30.04
CA GLY B 296 15.93 -31.16 30.78
C GLY B 296 15.99 -29.85 30.01
N LEU B 297 15.77 -29.96 28.70
CA LEU B 297 15.74 -28.80 27.82
C LEU B 297 14.38 -28.18 28.01
N VAL B 298 14.33 -26.86 28.05
CA VAL B 298 13.05 -26.17 28.23
C VAL B 298 12.98 -24.97 27.28
N LYS B 299 13.76 -25.04 26.20
CA LYS B 299 13.78 -23.98 25.21
C LYS B 299 14.62 -24.44 24.02
N GLU B 300 14.02 -24.39 22.83
CA GLU B 300 14.71 -24.78 21.62
C GLU B 300 15.71 -23.70 21.25
N ASN B 301 16.70 -24.05 20.44
CA ASN B 301 17.71 -23.09 20.04
C ASN B 301 17.10 -22.04 19.11
N GLU B 302 17.92 -21.10 18.68
CA GLU B 302 17.43 -20.03 17.83
C GLU B 302 18.52 -19.16 17.25
N ILE B 303 18.20 -18.51 16.15
CA ILE B 303 19.11 -17.59 15.47
C ILE B 303 18.54 -16.18 15.68
N GLN B 304 19.40 -15.17 15.67
CA GLN B 304 18.92 -13.82 15.84
C GLN B 304 18.90 -13.10 14.49
N VAL B 305 17.75 -12.54 14.13
CA VAL B 305 17.62 -11.83 12.87
C VAL B 305 17.62 -10.31 13.14
N PRO B 306 18.51 -9.56 12.46
CA PRO B 306 18.60 -8.12 12.63
C PRO B 306 17.25 -7.47 12.34
N SER B 307 16.89 -6.45 13.12
CA SER B 307 15.62 -5.78 12.92
C SER B 307 15.50 -5.25 11.49
N ALA B 308 16.63 -4.79 10.95
CA ALA B 308 16.66 -4.26 9.60
C ALA B 308 16.11 -5.25 8.59
N LEU B 309 16.35 -6.55 8.83
CA LEU B 309 15.88 -7.59 7.93
C LEU B 309 14.42 -7.94 8.17
N ILE B 310 13.95 -7.77 9.39
CA ILE B 310 12.54 -8.06 9.63
C ILE B 310 11.73 -6.93 9.02
N ASP B 311 12.29 -5.73 9.06
CA ASP B 311 11.65 -4.55 8.49
C ASP B 311 11.40 -4.70 7.00
N GLN B 312 12.35 -5.27 6.28
CA GLN B 312 12.20 -5.44 4.84
C GLN B 312 10.98 -6.30 4.54
N GLU B 313 10.72 -7.26 5.42
CA GLU B 313 9.57 -8.14 5.25
C GLU B 313 8.29 -7.43 5.69
N ILE B 314 8.38 -6.66 6.76
CA ILE B 314 7.19 -5.95 7.20
C ILE B 314 6.75 -4.93 6.11
N ASN B 315 7.71 -4.30 5.44
CA ASN B 315 7.36 -3.37 4.38
C ASN B 315 6.62 -4.10 3.27
N VAL B 316 7.00 -5.35 3.02
CA VAL B 316 6.32 -6.15 1.99
C VAL B 316 4.91 -6.48 2.45
N LEU B 317 4.79 -6.88 3.72
CA LEU B 317 3.49 -7.21 4.25
C LEU B 317 2.56 -5.99 4.18
N ARG B 318 3.08 -4.80 4.48
CA ARG B 318 2.28 -3.59 4.41
C ARG B 318 1.78 -3.39 2.98
N GLN B 319 2.69 -3.55 2.01
CA GLN B 319 2.31 -3.39 0.62
C GLN B 319 1.16 -4.34 0.30
N GLN B 320 1.30 -5.59 0.70
CA GLN B 320 0.26 -6.56 0.45
C GLN B 320 -1.04 -6.20 1.13
N ALA B 321 -0.95 -5.69 2.35
CA ALA B 321 -2.15 -5.30 3.08
C ALA B 321 -2.84 -4.14 2.36
N ALA B 322 -2.06 -3.25 1.77
CA ALA B 322 -2.65 -2.11 1.06
C ALA B 322 -3.42 -2.60 -0.17
N GLN B 323 -2.88 -3.61 -0.85
CA GLN B 323 -3.53 -4.17 -2.03
C GLN B 323 -4.88 -4.77 -1.68
N ARG B 324 -4.92 -5.50 -0.57
CA ARG B 324 -6.14 -6.15 -0.11
C ARG B 324 -7.11 -5.15 0.49
N PHE B 325 -6.74 -3.87 0.44
CA PHE B 325 -7.61 -2.81 0.93
C PHE B 325 -7.81 -1.80 -0.20
N GLY B 326 -7.55 -2.28 -1.43
CA GLY B 326 -7.70 -1.44 -2.59
C GLY B 326 -6.68 -0.32 -2.67
N GLY B 327 -5.40 -0.65 -2.54
CA GLY B 327 -4.36 0.35 -2.62
C GLY B 327 -4.48 1.47 -1.59
N ASN B 328 -5.23 1.22 -0.51
CA ASN B 328 -5.39 2.21 0.53
C ASN B 328 -4.14 2.24 1.41
N VAL B 329 -3.11 2.87 0.88
CA VAL B 329 -1.82 2.97 1.56
C VAL B 329 -1.82 3.58 2.96
N GLU B 330 -2.57 4.67 3.19
CA GLU B 330 -2.57 5.26 4.53
C GLU B 330 -3.08 4.28 5.55
N ALA B 331 -4.09 3.50 5.17
CA ALA B 331 -4.64 2.51 6.08
C ALA B 331 -3.56 1.51 6.50
N ALA B 332 -2.76 1.06 5.53
CA ALA B 332 -1.71 0.08 5.77
C ALA B 332 -0.62 0.64 6.68
N ALA B 333 -0.37 1.94 6.55
CA ALA B 333 0.65 2.60 7.37
C ALA B 333 0.21 2.66 8.83
N GLN B 334 -1.07 2.92 9.06
CA GLN B 334 -1.62 3.00 10.41
C GLN B 334 -1.45 1.72 11.21
N LEU B 335 -1.47 0.58 10.54
CA LEU B 335 -1.32 -0.69 11.25
C LEU B 335 0.04 -0.75 11.93
N PRO B 336 0.04 -1.02 13.24
CA PRO B 336 1.28 -1.11 14.01
C PRO B 336 2.14 -2.30 13.63
N ARG B 337 3.44 -2.07 13.58
CA ARG B 337 4.44 -3.08 13.23
C ARG B 337 4.27 -4.47 13.85
N GLU B 338 3.93 -4.55 15.13
CA GLU B 338 3.79 -5.86 15.76
C GLU B 338 2.79 -6.78 15.08
N LEU B 339 1.86 -6.19 14.33
CA LEU B 339 0.84 -6.95 13.61
C LEU B 339 1.47 -7.94 12.63
N PHE B 340 2.49 -7.47 11.90
CA PHE B 340 3.16 -8.28 10.89
C PHE B 340 4.42 -8.96 11.39
N GLU B 341 4.87 -8.63 12.59
CA GLU B 341 6.11 -9.22 13.11
C GLU B 341 6.22 -10.71 12.94
N GLU B 342 5.14 -11.41 13.23
CA GLU B 342 5.12 -12.86 13.12
C GLU B 342 5.33 -13.32 11.69
N GLN B 343 4.48 -12.84 10.78
CA GLN B 343 4.58 -13.20 9.36
C GLN B 343 5.99 -12.93 8.84
N ALA B 344 6.54 -11.79 9.23
CA ALA B 344 7.88 -11.41 8.79
C ALA B 344 8.91 -12.49 9.13
N LYS B 345 8.91 -12.95 10.38
CA LYS B 345 9.84 -13.99 10.78
C LYS B 345 9.68 -15.24 9.93
N ARG B 346 8.44 -15.65 9.71
CA ARG B 346 8.19 -16.84 8.91
C ARG B 346 8.76 -16.58 7.52
N ARG B 347 8.58 -15.37 7.01
CA ARG B 347 9.10 -15.00 5.70
C ARG B 347 10.62 -15.13 5.64
N VAL B 348 11.29 -14.51 6.62
CA VAL B 348 12.74 -14.57 6.70
C VAL B 348 13.32 -15.99 6.76
N VAL B 349 12.64 -16.89 7.48
CA VAL B 349 13.10 -18.26 7.61
C VAL B 349 12.97 -19.07 6.32
N VAL B 350 11.80 -19.01 5.72
CA VAL B 350 11.57 -19.73 4.47
C VAL B 350 12.54 -19.18 3.43
N GLY B 351 12.78 -17.88 3.47
CA GLY B 351 13.72 -17.29 2.54
C GLY B 351 15.13 -17.83 2.74
N LEU B 352 15.53 -18.00 4.00
CA LEU B 352 16.85 -18.53 4.30
C LEU B 352 16.94 -20.01 3.90
N LEU B 353 15.83 -20.72 4.03
CA LEU B 353 15.78 -22.13 3.68
C LEU B 353 16.03 -22.28 2.20
N LEU B 354 15.23 -21.58 1.40
CA LEU B 354 15.35 -21.62 -0.04
C LEU B 354 16.68 -21.04 -0.47
N GLY B 355 17.05 -19.92 0.13
CA GLY B 355 18.32 -19.31 -0.26
C GLY B 355 19.54 -20.19 -0.11
N GLU B 356 19.51 -21.07 0.90
CA GLU B 356 20.64 -21.94 1.16
C GLU B 356 20.76 -23.02 0.09
N VAL B 357 19.62 -23.51 -0.40
CA VAL B 357 19.66 -24.51 -1.43
C VAL B 357 20.16 -23.88 -2.72
N ILE B 358 19.59 -22.72 -3.05
CA ILE B 358 19.97 -22.00 -4.26
C ILE B 358 21.44 -21.60 -4.27
N ARG B 359 21.89 -21.02 -3.17
CA ARG B 359 23.27 -20.59 -3.09
C ARG B 359 24.27 -21.74 -3.13
N THR B 360 23.95 -22.83 -2.44
CA THR B 360 24.86 -23.95 -2.39
C THR B 360 25.10 -24.65 -3.72
N HIS B 361 24.08 -24.72 -4.56
CA HIS B 361 24.23 -25.35 -5.86
C HIS B 361 24.19 -24.34 -7.00
N GLU B 362 24.37 -23.08 -6.67
CA GLU B 362 24.35 -22.03 -7.69
C GLU B 362 23.14 -22.20 -8.62
N LEU B 363 21.97 -22.40 -8.02
CA LEU B 363 20.75 -22.57 -8.79
C LEU B 363 20.30 -21.20 -9.25
N LYS B 364 20.01 -21.07 -10.54
CA LYS B 364 19.56 -19.80 -11.09
C LYS B 364 18.06 -19.83 -11.23
N ALA B 365 17.41 -18.94 -10.50
CA ALA B 365 15.97 -18.86 -10.52
C ALA B 365 15.58 -17.41 -10.39
N ASP B 366 14.55 -17.02 -11.13
CA ASP B 366 14.06 -15.66 -11.12
C ASP B 366 13.70 -15.23 -9.71
N GLU B 367 14.38 -14.17 -9.28
CA GLU B 367 14.19 -13.58 -7.98
C GLU B 367 12.71 -13.42 -7.69
N GLU B 368 11.94 -13.04 -8.70
CA GLU B 368 10.51 -12.83 -8.52
C GLU B 368 9.70 -14.09 -8.25
N LYS B 369 10.08 -15.21 -8.86
CA LYS B 369 9.36 -16.46 -8.64
C LYS B 369 9.64 -16.95 -7.22
N VAL B 370 10.92 -16.96 -6.85
CA VAL B 370 11.31 -17.36 -5.52
C VAL B 370 10.51 -16.56 -4.49
N LYS B 371 10.48 -15.24 -4.66
CA LYS B 371 9.75 -14.38 -3.72
C LYS B 371 8.26 -14.71 -3.68
N ALA B 372 7.70 -15.14 -4.80
CA ALA B 372 6.29 -15.47 -4.81
C ALA B 372 6.11 -16.71 -3.97
N LEU B 373 6.97 -17.69 -4.18
CA LEU B 373 6.90 -18.93 -3.41
C LEU B 373 7.11 -18.69 -1.91
N ILE B 374 8.07 -17.85 -1.57
CA ILE B 374 8.33 -17.54 -0.16
C ILE B 374 7.06 -16.97 0.48
N THR B 375 6.38 -16.08 -0.24
CA THR B 375 5.15 -15.49 0.27
C THR B 375 4.11 -16.57 0.52
N GLU B 376 4.00 -17.49 -0.44
CA GLU B 376 3.03 -18.56 -0.38
C GLU B 376 3.32 -19.55 0.73
N MET B 377 4.59 -19.95 0.83
CA MET B 377 5.00 -20.91 1.84
C MET B 377 5.02 -20.31 3.24
N ALA B 378 5.37 -19.04 3.35
CA ALA B 378 5.42 -18.39 4.67
C ALA B 378 4.03 -18.07 5.15
N THR B 379 3.23 -17.43 4.30
CA THR B 379 1.87 -17.09 4.67
C THR B 379 0.99 -18.33 4.60
N ALA B 380 1.62 -19.47 4.31
CA ALA B 380 0.96 -20.78 4.22
C ALA B 380 -0.48 -20.79 3.71
#